data_1V9S
#
_entry.id   1V9S
#
_cell.length_a   116.151
_cell.length_b   116.151
_cell.length_c   157.643
_cell.angle_alpha   90.00
_cell.angle_beta   90.00
_cell.angle_gamma   120.00
#
_symmetry.space_group_name_H-M   'P 32 2 1'
#
loop_
_entity.id
_entity.type
_entity.pdbx_description
1 polymer 'uracil phosphoribosyltransferase'
2 non-polymer 'SULFATE ION'
3 water water
#
_entity_poly.entity_id   1
_entity_poly.type   'polypeptide(L)'
_entity_poly.pdbx_seq_one_letter_code
;(MSE)RITLVDHPLVQHKLAHLRDKRTGPKDFRELAEEVA(MSE)L(MSE)AYEA(MSE)RDLELEETTVETPIAPARVK
VLSGKKLALVAILRAGLV(MSE)VEGILKLVPHARVGHIGLYRDPESLNPVQYYIKLPPDIAERRAFLLDP(MSE)LATG
GSASLALSLLKERGATGVKL(MSE)AILAAPEGLERIAKDHPDTEVVVAAIDERLNDHGYIVPGLGDAGDRIYGTK
;
_entity_poly.pdbx_strand_id   A,B,C,D
#
loop_
_chem_comp.id
_chem_comp.type
_chem_comp.name
_chem_comp.formula
SO4 non-polymer 'SULFATE ION' 'O4 S -2'
#
# COMPACT_ATOMS: atom_id res chain seq x y z
N MSE A 1 -20.94 -19.07 -23.41
CA MSE A 1 -20.24 -18.41 -22.27
C MSE A 1 -18.87 -17.89 -22.68
O MSE A 1 -18.01 -18.66 -23.10
CB MSE A 1 -20.09 -19.37 -21.11
CG MSE A 1 -19.25 -18.81 -19.96
SE MSE A 1 -18.93 -20.09 -18.56
CE MSE A 1 -17.35 -20.95 -19.29
N ARG A 2 -18.66 -16.58 -22.54
CA ARG A 2 -17.39 -15.98 -22.90
C ARG A 2 -16.30 -16.25 -21.85
N ILE A 3 -15.18 -16.78 -22.30
CA ILE A 3 -14.04 -17.06 -21.45
C ILE A 3 -12.88 -16.18 -21.90
N THR A 4 -12.53 -15.20 -21.08
CA THR A 4 -11.44 -14.28 -21.41
C THR A 4 -10.17 -14.67 -20.66
N LEU A 5 -9.14 -15.01 -21.44
CA LEU A 5 -7.85 -15.41 -20.88
C LEU A 5 -6.89 -14.22 -20.84
N VAL A 6 -6.47 -13.81 -19.64
CA VAL A 6 -5.54 -12.69 -19.52
C VAL A 6 -4.15 -13.22 -19.88
N ASP A 7 -3.58 -12.64 -20.92
CA ASP A 7 -2.29 -13.09 -21.45
C ASP A 7 -1.00 -12.39 -21.00
N HIS A 8 -1.10 -11.11 -20.67
CA HIS A 8 0.05 -10.32 -20.23
C HIS A 8 1.24 -11.10 -19.66
N PRO A 9 2.47 -10.71 -20.04
CA PRO A 9 3.67 -11.39 -19.56
C PRO A 9 3.85 -11.28 -18.03
N LEU A 10 3.44 -10.17 -17.45
CA LEU A 10 3.53 -9.99 -15.99
C LEU A 10 2.61 -10.97 -15.29
N VAL A 11 1.49 -11.30 -15.91
CA VAL A 11 0.56 -12.26 -15.32
C VAL A 11 1.16 -13.66 -15.39
N GLN A 12 1.70 -14.02 -16.56
CA GLN A 12 2.30 -15.35 -16.72
C GLN A 12 3.46 -15.54 -15.73
N HIS A 13 4.34 -14.55 -15.66
CA HIS A 13 5.49 -14.59 -14.78
C HIS A 13 5.07 -14.75 -13.30
N LYS A 14 4.23 -13.86 -12.83
CA LYS A 14 3.76 -13.91 -11.45
C LYS A 14 3.06 -15.24 -11.19
N LEU A 15 2.31 -15.72 -12.17
CA LEU A 15 1.59 -16.98 -12.03
C LEU A 15 2.60 -18.12 -11.85
N ALA A 16 3.76 -17.98 -12.49
CA ALA A 16 4.79 -19.01 -12.39
C ALA A 16 5.26 -19.07 -10.94
N HIS A 17 5.43 -17.90 -10.34
CA HIS A 17 5.88 -17.83 -8.95
C HIS A 17 4.80 -18.29 -7.98
N LEU A 18 3.54 -18.07 -8.33
CA LEU A 18 2.44 -18.51 -7.46
C LEU A 18 2.39 -20.04 -7.43
N ARG A 19 2.63 -20.67 -8.59
CA ARG A 19 2.60 -22.13 -8.69
C ARG A 19 3.78 -22.74 -7.96
N ASP A 20 4.93 -22.10 -8.06
CA ASP A 20 6.16 -22.57 -7.41
C ASP A 20 5.86 -22.83 -5.94
N LYS A 21 5.94 -24.09 -5.52
CA LYS A 21 5.64 -24.45 -4.13
C LYS A 21 6.62 -23.87 -3.11
N ARG A 22 7.69 -23.25 -3.59
CA ARG A 22 8.70 -22.66 -2.71
C ARG A 22 8.37 -21.22 -2.32
N THR A 23 7.31 -20.68 -2.90
CA THR A 23 6.91 -19.30 -2.61
C THR A 23 6.11 -19.27 -1.31
N GLY A 24 6.59 -18.48 -0.35
CA GLY A 24 5.92 -18.39 0.93
C GLY A 24 4.69 -17.50 0.94
N PRO A 25 3.96 -17.47 2.07
CA PRO A 25 2.74 -16.66 2.21
C PRO A 25 2.88 -15.17 1.91
N LYS A 26 3.97 -14.54 2.33
CA LYS A 26 4.13 -13.12 2.08
C LYS A 26 4.17 -12.82 0.58
N ASP A 27 5.04 -13.52 -0.14
CA ASP A 27 5.16 -13.32 -1.57
C ASP A 27 3.92 -13.80 -2.29
N PHE A 28 3.39 -14.95 -1.88
CA PHE A 28 2.21 -15.51 -2.51
C PHE A 28 1.05 -14.53 -2.45
N ARG A 29 0.84 -13.92 -1.29
CA ARG A 29 -0.25 -12.96 -1.11
C ARG A 29 -0.03 -11.71 -1.97
N GLU A 30 1.19 -11.18 -1.97
CA GLU A 30 1.46 -9.99 -2.77
C GLU A 30 1.26 -10.30 -4.25
N LEU A 31 1.74 -11.47 -4.68
CA LEU A 31 1.63 -11.91 -6.08
C LEU A 31 0.17 -12.03 -6.47
N ALA A 32 -0.61 -12.72 -5.64
CA ALA A 32 -2.03 -12.91 -5.88
C ALA A 32 -2.73 -11.57 -6.05
N GLU A 33 -2.35 -10.58 -5.24
CA GLU A 33 -2.95 -9.26 -5.33
C GLU A 33 -2.59 -8.56 -6.64
N GLU A 34 -1.34 -8.71 -7.06
CA GLU A 34 -0.85 -8.10 -8.29
C GLU A 34 -1.55 -8.73 -9.49
N VAL A 35 -1.73 -10.04 -9.45
CA VAL A 35 -2.40 -10.74 -10.53
C VAL A 35 -3.83 -10.19 -10.63
N ALA A 36 -4.49 -10.04 -9.49
CA ALA A 36 -5.84 -9.51 -9.43
C ALA A 36 -5.93 -8.12 -10.07
N MSE A 37 -4.98 -7.24 -9.72
CA MSE A 37 -4.95 -5.90 -10.28
C MSE A 37 -4.80 -5.95 -11.79
O MSE A 37 -5.50 -5.28 -12.54
CB MSE A 37 -3.76 -5.11 -9.72
CG MSE A 37 -3.77 -4.87 -8.22
SE MSE A 37 -2.09 -4.05 -7.67
CE MSE A 37 -2.32 -2.33 -8.54
N LEU A 38 -3.84 -6.77 -12.25
CA LEU A 38 -3.58 -6.92 -13.68
C LEU A 38 -4.81 -7.45 -14.41
N MSE A 39 -5.42 -8.49 -13.85
CA MSE A 39 -6.61 -9.07 -14.46
C MSE A 39 -7.76 -8.10 -14.52
O MSE A 39 -8.60 -8.20 -15.42
CB MSE A 39 -7.03 -10.32 -13.69
CG MSE A 39 -6.12 -11.50 -13.89
SE MSE A 39 -6.75 -13.05 -12.96
CE MSE A 39 -8.21 -13.53 -14.13
N ALA A 40 -7.81 -7.17 -13.57
CA ALA A 40 -8.88 -6.19 -13.53
C ALA A 40 -8.80 -5.18 -14.66
N TYR A 41 -7.59 -4.98 -15.18
CA TYR A 41 -7.42 -4.06 -16.30
C TYR A 41 -8.28 -4.61 -17.45
N GLU A 42 -8.09 -5.89 -17.75
CA GLU A 42 -8.82 -6.56 -18.81
C GLU A 42 -10.31 -6.65 -18.53
N ALA A 43 -10.66 -7.11 -17.34
CA ALA A 43 -12.06 -7.25 -16.98
C ALA A 43 -12.82 -5.91 -16.93
N MSE A 44 -12.11 -4.80 -16.81
CA MSE A 44 -12.77 -3.49 -16.72
C MSE A 44 -12.63 -2.59 -17.94
O MSE A 44 -12.88 -1.37 -17.86
CB MSE A 44 -12.31 -2.76 -15.46
CG MSE A 44 -12.89 -3.36 -14.17
SE MSE A 44 -12.15 -2.64 -12.48
CE MSE A 44 -12.75 -4.07 -11.34
N ARG A 45 -12.23 -3.17 -19.08
CA ARG A 45 -12.09 -2.41 -20.32
C ARG A 45 -13.43 -1.84 -20.75
N ASP A 46 -14.49 -2.62 -20.53
CA ASP A 46 -15.84 -2.21 -20.94
C ASP A 46 -16.63 -1.37 -19.95
N LEU A 47 -15.98 -0.69 -19.01
CA LEU A 47 -16.68 0.14 -18.04
C LEU A 47 -17.26 1.38 -18.73
N GLU A 48 -18.57 1.56 -18.63
CA GLU A 48 -19.21 2.69 -19.30
C GLU A 48 -18.78 4.06 -18.80
N LEU A 49 -18.65 5.00 -19.73
CA LEU A 49 -18.25 6.38 -19.43
C LEU A 49 -19.31 7.35 -19.92
N GLU A 50 -19.22 8.58 -19.44
CA GLU A 50 -20.16 9.64 -19.84
C GLU A 50 -19.34 10.91 -19.87
N GLU A 51 -19.71 11.85 -20.73
CA GLU A 51 -18.97 13.09 -20.86
C GLU A 51 -19.41 14.18 -19.88
N THR A 52 -18.47 15.02 -19.50
CA THR A 52 -18.74 16.12 -18.59
C THR A 52 -17.64 17.14 -18.75
N THR A 53 -17.80 18.28 -18.08
CA THR A 53 -16.80 19.32 -18.15
C THR A 53 -16.14 19.50 -16.79
N VAL A 54 -14.88 19.90 -16.81
CA VAL A 54 -14.11 20.11 -15.60
C VAL A 54 -13.25 21.35 -15.78
N GLU A 55 -12.99 22.04 -14.69
CA GLU A 55 -12.16 23.24 -14.74
C GLU A 55 -10.77 22.88 -14.22
N THR A 56 -9.77 22.85 -15.11
CA THR A 56 -8.41 22.55 -14.67
C THR A 56 -7.83 23.87 -14.20
N PRO A 57 -6.63 23.85 -13.61
CA PRO A 57 -6.06 25.12 -13.15
C PRO A 57 -5.77 26.05 -14.33
N ILE A 58 -5.57 25.46 -15.51
CA ILE A 58 -5.26 26.23 -16.71
C ILE A 58 -6.49 26.67 -17.50
N ALA A 59 -7.39 25.74 -17.77
CA ALA A 59 -8.60 26.06 -18.53
C ALA A 59 -9.66 24.97 -18.43
N PRO A 60 -10.87 25.24 -18.95
CA PRO A 60 -11.95 24.25 -18.92
C PRO A 60 -11.51 23.05 -19.74
N ALA A 61 -12.06 21.88 -19.44
CA ALA A 61 -11.68 20.70 -20.20
C ALA A 61 -12.78 19.67 -20.29
N ARG A 62 -13.02 19.19 -21.52
CA ARG A 62 -14.02 18.16 -21.74
C ARG A 62 -13.38 16.87 -21.29
N VAL A 63 -14.10 16.11 -20.47
CA VAL A 63 -13.58 14.86 -19.94
C VAL A 63 -14.65 13.81 -19.82
N LYS A 64 -14.22 12.58 -19.56
CA LYS A 64 -15.14 11.47 -19.38
C LYS A 64 -14.90 10.80 -18.02
N VAL A 65 -16.00 10.49 -17.33
CA VAL A 65 -15.92 9.82 -16.04
C VAL A 65 -16.89 8.66 -16.09
N LEU A 66 -16.72 7.69 -15.20
CA LEU A 66 -17.58 6.53 -15.16
C LEU A 66 -19.02 6.94 -14.90
N SER A 67 -19.96 6.17 -15.44
CA SER A 67 -21.37 6.48 -15.25
C SER A 67 -21.99 5.50 -14.25
N GLY A 68 -23.14 5.91 -13.71
CA GLY A 68 -23.83 5.04 -12.77
C GLY A 68 -23.21 4.97 -11.39
N LYS A 69 -23.55 3.91 -10.67
CA LYS A 69 -23.05 3.70 -9.32
C LYS A 69 -21.70 3.02 -9.27
N LYS A 70 -21.05 3.09 -8.11
CA LYS A 70 -19.75 2.47 -7.92
C LYS A 70 -19.84 0.96 -8.12
N LEU A 71 -18.85 0.39 -8.80
CA LEU A 71 -18.83 -1.04 -9.07
C LEU A 71 -18.73 -1.86 -7.78
N ALA A 72 -19.18 -3.11 -7.87
CA ALA A 72 -19.15 -4.01 -6.73
C ALA A 72 -18.21 -5.18 -6.94
N LEU A 73 -17.33 -5.39 -5.98
CA LEU A 73 -16.40 -6.51 -5.99
C LEU A 73 -16.97 -7.47 -4.96
N VAL A 74 -17.29 -8.69 -5.37
CA VAL A 74 -17.85 -9.67 -4.45
C VAL A 74 -16.87 -10.81 -4.28
N ALA A 75 -16.41 -11.00 -3.04
CA ALA A 75 -15.45 -12.04 -2.76
C ALA A 75 -16.07 -13.32 -2.22
N ILE A 76 -15.55 -14.45 -2.69
CA ILE A 76 -16.01 -15.74 -2.21
C ILE A 76 -15.01 -16.10 -1.12
N LEU A 77 -15.46 -16.10 0.13
CA LEU A 77 -14.58 -16.42 1.25
C LEU A 77 -14.06 -17.84 1.05
N ARG A 78 -12.81 -18.10 1.42
CA ARG A 78 -11.91 -17.12 2.02
C ARG A 78 -10.94 -16.48 1.02
N ALA A 79 -10.29 -17.29 0.20
CA ALA A 79 -9.30 -16.82 -0.77
C ALA A 79 -9.69 -15.61 -1.62
N GLY A 80 -10.97 -15.43 -1.89
CA GLY A 80 -11.40 -14.29 -2.69
C GLY A 80 -11.02 -12.95 -2.07
N LEU A 81 -10.82 -12.93 -0.76
CA LEU A 81 -10.44 -11.71 -0.06
C LEU A 81 -9.17 -11.10 -0.63
N VAL A 82 -8.23 -11.96 -1.01
CA VAL A 82 -6.96 -11.47 -1.54
C VAL A 82 -7.10 -10.71 -2.86
N MSE A 83 -8.11 -11.08 -3.64
CA MSE A 83 -8.36 -10.42 -4.92
C MSE A 83 -9.00 -9.05 -4.70
O MSE A 83 -8.77 -8.12 -5.47
CB MSE A 83 -9.24 -11.29 -5.81
CG MSE A 83 -8.54 -12.57 -6.27
SE MSE A 83 -9.52 -13.60 -7.58
CE MSE A 83 -9.02 -12.57 -9.15
N VAL A 84 -9.80 -8.94 -3.64
CA VAL A 84 -10.44 -7.66 -3.32
C VAL A 84 -9.38 -6.65 -2.93
N GLU A 85 -8.50 -7.03 -2.01
CA GLU A 85 -7.43 -6.13 -1.57
C GLU A 85 -6.62 -5.67 -2.76
N GLY A 86 -6.26 -6.61 -3.64
CA GLY A 86 -5.48 -6.24 -4.80
C GLY A 86 -6.21 -5.23 -5.67
N ILE A 87 -7.44 -5.57 -6.07
CA ILE A 87 -8.23 -4.70 -6.94
C ILE A 87 -8.63 -3.33 -6.38
N LEU A 88 -8.82 -3.23 -5.06
CA LEU A 88 -9.20 -1.95 -4.46
C LEU A 88 -8.11 -0.90 -4.65
N LYS A 89 -6.88 -1.35 -4.89
CA LYS A 89 -5.78 -0.43 -5.10
C LYS A 89 -5.96 0.28 -6.43
N LEU A 90 -6.68 -0.35 -7.34
CA LEU A 90 -6.97 0.22 -8.65
C LEU A 90 -8.25 1.05 -8.53
N VAL A 91 -9.26 0.47 -7.89
CA VAL A 91 -10.55 1.15 -7.70
C VAL A 91 -10.97 1.15 -6.21
N PRO A 92 -10.44 2.11 -5.42
CA PRO A 92 -10.73 2.24 -3.99
C PRO A 92 -12.14 2.67 -3.61
N HIS A 93 -12.93 3.15 -4.57
CA HIS A 93 -14.29 3.55 -4.24
C HIS A 93 -15.28 2.43 -4.47
N ALA A 94 -14.78 1.28 -4.86
CA ALA A 94 -15.63 0.13 -5.10
C ALA A 94 -16.29 -0.35 -3.82
N ARG A 95 -17.55 -0.78 -3.92
CA ARG A 95 -18.26 -1.29 -2.76
C ARG A 95 -17.92 -2.77 -2.74
N VAL A 96 -17.85 -3.35 -1.54
CA VAL A 96 -17.49 -4.76 -1.43
C VAL A 96 -18.52 -5.67 -0.77
N GLY A 97 -18.71 -6.83 -1.38
CA GLY A 97 -19.64 -7.79 -0.82
C GLY A 97 -18.86 -9.06 -0.53
N HIS A 98 -19.41 -9.92 0.32
CA HIS A 98 -18.76 -11.18 0.66
C HIS A 98 -19.77 -12.29 0.66
N ILE A 99 -19.34 -13.47 0.25
CA ILE A 99 -20.21 -14.64 0.22
C ILE A 99 -19.40 -15.82 0.73
N GLY A 100 -19.90 -16.45 1.78
CA GLY A 100 -19.24 -17.61 2.35
C GLY A 100 -20.21 -18.77 2.33
N LEU A 101 -19.78 -19.91 1.81
CA LEU A 101 -20.66 -21.07 1.72
C LEU A 101 -20.33 -22.18 2.72
N TYR A 102 -21.29 -22.47 3.60
CA TYR A 102 -21.15 -23.51 4.61
C TYR A 102 -19.94 -23.26 5.49
N GLN A 112 -25.82 -23.99 4.79
CA GLN A 112 -26.25 -22.61 4.75
C GLN A 112 -25.15 -21.74 4.15
N TYR A 113 -25.33 -20.43 4.19
CA TYR A 113 -24.35 -19.52 3.63
C TYR A 113 -24.40 -18.11 4.22
N TYR A 114 -23.27 -17.41 4.13
CA TYR A 114 -23.16 -16.05 4.62
C TYR A 114 -23.04 -15.12 3.41
N ILE A 115 -23.90 -14.11 3.33
CA ILE A 115 -23.84 -13.18 2.22
C ILE A 115 -24.14 -11.75 2.63
N LYS A 116 -23.31 -10.83 2.14
CA LYS A 116 -23.45 -9.40 2.40
C LYS A 116 -23.10 -8.69 1.10
N LEU A 117 -24.04 -7.93 0.55
CA LEU A 117 -23.80 -7.23 -0.71
C LEU A 117 -24.09 -5.76 -0.57
N PRO A 118 -23.51 -4.94 -1.47
CA PRO A 118 -23.74 -3.50 -1.44
C PRO A 118 -25.19 -3.26 -1.84
N PRO A 119 -25.78 -2.12 -1.43
CA PRO A 119 -27.17 -1.84 -1.80
C PRO A 119 -27.33 -1.52 -3.30
N ASP A 120 -28.48 -1.88 -3.86
CA ASP A 120 -28.77 -1.64 -5.28
C ASP A 120 -27.71 -2.24 -6.18
N ILE A 121 -27.44 -3.53 -6.01
CA ILE A 121 -26.42 -4.17 -6.82
C ILE A 121 -26.87 -4.33 -8.26
N ALA A 122 -28.16 -4.09 -8.50
CA ALA A 122 -28.71 -4.21 -9.84
C ALA A 122 -28.22 -3.06 -10.71
N GLU A 123 -27.88 -1.95 -10.08
CA GLU A 123 -27.40 -0.76 -10.79
C GLU A 123 -25.89 -0.60 -10.63
N ARG A 124 -25.19 -1.72 -10.46
CA ARG A 124 -23.74 -1.68 -10.29
C ARG A 124 -23.04 -2.74 -11.14
N ARG A 125 -21.94 -2.37 -11.77
CA ARG A 125 -21.17 -3.35 -12.52
C ARG A 125 -20.63 -4.26 -11.41
N ALA A 126 -20.74 -5.57 -11.59
CA ALA A 126 -20.30 -6.48 -10.56
C ALA A 126 -19.27 -7.49 -11.02
N PHE A 127 -18.35 -7.81 -10.12
CA PHE A 127 -17.29 -8.78 -10.37
C PHE A 127 -17.20 -9.77 -9.22
N LEU A 128 -17.26 -11.06 -9.56
CA LEU A 128 -17.20 -12.14 -8.58
C LEU A 128 -15.79 -12.71 -8.54
N LEU A 129 -15.15 -12.60 -7.39
CA LEU A 129 -13.77 -13.07 -7.24
C LEU A 129 -13.67 -14.44 -6.60
N ASP A 130 -13.14 -15.39 -7.37
CA ASP A 130 -13.00 -16.75 -6.92
C ASP A 130 -11.68 -17.31 -7.46
N PRO A 131 -10.58 -17.05 -6.74
CA PRO A 131 -9.22 -17.49 -7.09
C PRO A 131 -9.08 -18.81 -7.83
N MSE A 132 -9.69 -19.87 -7.31
CA MSE A 132 -9.58 -21.19 -7.92
C MSE A 132 -10.93 -21.75 -8.37
O MSE A 132 -11.73 -22.15 -7.53
CB MSE A 132 -8.92 -22.17 -6.95
CG MSE A 132 -7.56 -21.74 -6.41
SE MSE A 132 -6.15 -21.71 -7.72
CE MSE A 132 -5.53 -23.52 -7.52
N LEU A 133 -11.17 -21.78 -9.67
CA LEU A 133 -12.41 -22.32 -10.22
C LEU A 133 -12.16 -23.80 -10.50
N ALA A 134 -12.32 -24.63 -9.47
CA ALA A 134 -12.09 -26.07 -9.58
C ALA A 134 -13.33 -26.79 -10.10
N THR A 135 -14.25 -27.14 -9.20
CA THR A 135 -15.47 -27.83 -9.61
C THR A 135 -16.47 -26.81 -10.15
N GLY A 136 -16.36 -25.57 -9.66
CA GLY A 136 -17.27 -24.52 -10.10
C GLY A 136 -18.54 -24.45 -9.28
N GLY A 137 -18.64 -25.32 -8.27
CA GLY A 137 -19.82 -25.33 -7.42
C GLY A 137 -20.01 -24.06 -6.61
N SER A 138 -18.96 -23.59 -5.94
CA SER A 138 -19.05 -22.39 -5.14
C SER A 138 -19.36 -21.20 -6.03
N ALA A 139 -18.65 -21.12 -7.15
CA ALA A 139 -18.85 -20.04 -8.10
C ALA A 139 -20.28 -20.05 -8.66
N SER A 140 -20.78 -21.25 -8.92
CA SER A 140 -22.12 -21.42 -9.46
C SER A 140 -23.15 -20.89 -8.45
N LEU A 141 -23.13 -21.46 -7.26
CA LEU A 141 -24.05 -21.07 -6.21
C LEU A 141 -23.98 -19.57 -5.95
N ALA A 142 -22.75 -19.05 -5.90
CA ALA A 142 -22.54 -17.63 -5.67
C ALA A 142 -23.26 -16.83 -6.74
N LEU A 143 -23.08 -17.24 -7.99
CA LEU A 143 -23.72 -16.57 -9.12
C LEU A 143 -25.24 -16.58 -8.98
N SER A 144 -25.79 -17.68 -8.47
CA SER A 144 -27.24 -17.79 -8.28
C SER A 144 -27.69 -16.76 -7.25
N LEU A 145 -26.97 -16.68 -6.13
CA LEU A 145 -27.32 -15.74 -5.07
C LEU A 145 -27.30 -14.31 -5.60
N LEU A 146 -26.30 -13.99 -6.43
CA LEU A 146 -26.17 -12.67 -7.00
C LEU A 146 -27.32 -12.36 -7.95
N LYS A 147 -27.63 -13.30 -8.83
CA LYS A 147 -28.72 -13.11 -9.79
C LYS A 147 -30.01 -12.83 -9.03
N GLU A 148 -30.28 -13.68 -8.05
CA GLU A 148 -31.45 -13.58 -7.20
C GLU A 148 -31.61 -12.20 -6.55
N ARG A 149 -30.49 -11.59 -6.18
CA ARG A 149 -30.54 -10.25 -5.57
C ARG A 149 -30.70 -9.17 -6.63
N GLY A 150 -30.66 -9.57 -7.90
CA GLY A 150 -30.82 -8.61 -8.98
C GLY A 150 -29.55 -8.16 -9.69
N ALA A 151 -28.49 -8.97 -9.60
CA ALA A 151 -27.23 -8.62 -10.25
C ALA A 151 -27.27 -9.09 -11.70
N THR A 152 -26.76 -8.27 -12.60
CA THR A 152 -26.75 -8.63 -14.01
C THR A 152 -25.41 -8.33 -14.70
N GLY A 153 -25.05 -9.17 -15.67
CA GLY A 153 -23.80 -8.97 -16.38
C GLY A 153 -22.59 -9.13 -15.49
N VAL A 154 -22.65 -10.13 -14.61
CA VAL A 154 -21.58 -10.40 -13.68
C VAL A 154 -20.37 -11.10 -14.30
N LYS A 155 -19.18 -10.56 -14.03
CA LYS A 155 -17.95 -11.16 -14.54
C LYS A 155 -17.27 -11.98 -13.44
N LEU A 156 -17.04 -13.25 -13.72
CA LEU A 156 -16.39 -14.14 -12.77
C LEU A 156 -14.88 -14.13 -13.03
N MSE A 157 -14.12 -13.65 -12.07
CA MSE A 157 -12.66 -13.58 -12.19
C MSE A 157 -11.98 -14.66 -11.37
O MSE A 157 -12.18 -14.75 -10.15
CB MSE A 157 -12.15 -12.21 -11.74
CG MSE A 157 -12.65 -11.04 -12.56
SE MSE A 157 -12.05 -9.33 -11.89
CE MSE A 157 -10.22 -9.42 -12.47
N ALA A 158 -11.17 -15.48 -12.03
CA ALA A 158 -10.44 -16.56 -11.38
C ALA A 158 -9.01 -16.54 -11.85
N ILE A 159 -8.09 -17.00 -11.01
CA ILE A 159 -6.69 -17.02 -11.39
C ILE A 159 -6.43 -18.30 -12.16
N LEU A 160 -6.94 -19.40 -11.62
CA LEU A 160 -6.79 -20.70 -12.24
C LEU A 160 -8.15 -21.37 -12.37
N ALA A 161 -8.37 -22.05 -13.49
CA ALA A 161 -9.62 -22.74 -13.72
C ALA A 161 -9.39 -24.13 -14.26
N ALA A 162 -10.28 -25.05 -13.90
CA ALA A 162 -10.20 -26.42 -14.37
C ALA A 162 -11.33 -26.61 -15.38
N PRO A 163 -11.10 -27.41 -16.43
CA PRO A 163 -12.14 -27.64 -17.43
C PRO A 163 -13.48 -27.98 -16.77
N GLU A 164 -13.41 -28.86 -15.78
CA GLU A 164 -14.62 -29.27 -15.07
C GLU A 164 -15.38 -28.07 -14.50
N GLY A 165 -14.65 -27.04 -14.09
CA GLY A 165 -15.28 -25.87 -13.51
C GLY A 165 -15.91 -24.95 -14.53
N LEU A 166 -15.20 -24.66 -15.61
CA LEU A 166 -15.71 -23.80 -16.65
C LEU A 166 -16.99 -24.41 -17.21
N GLU A 167 -16.98 -25.72 -17.39
CA GLU A 167 -18.14 -26.43 -17.90
C GLU A 167 -19.32 -26.23 -16.95
N ARG A 168 -19.05 -26.36 -15.66
CA ARG A 168 -20.08 -26.20 -14.64
C ARG A 168 -20.73 -24.82 -14.70
N ILE A 169 -19.94 -23.79 -14.99
CA ILE A 169 -20.48 -22.44 -15.07
C ILE A 169 -21.25 -22.22 -16.35
N ALA A 170 -20.70 -22.70 -17.46
CA ALA A 170 -21.36 -22.55 -18.76
C ALA A 170 -22.68 -23.30 -18.76
N LYS A 171 -22.81 -24.29 -17.87
CA LYS A 171 -24.01 -25.09 -17.77
C LYS A 171 -25.10 -24.46 -16.91
N ASP A 172 -24.72 -23.73 -15.87
CA ASP A 172 -25.71 -23.13 -14.98
C ASP A 172 -25.88 -21.63 -15.14
N HIS A 173 -24.88 -20.98 -15.71
CA HIS A 173 -24.93 -19.54 -15.92
C HIS A 173 -24.25 -19.15 -17.22
N PRO A 174 -24.74 -19.71 -18.34
CA PRO A 174 -24.23 -19.46 -19.69
C PRO A 174 -23.98 -17.99 -20.03
N ASP A 175 -24.84 -17.11 -19.53
CA ASP A 175 -24.67 -15.69 -19.81
C ASP A 175 -23.76 -15.01 -18.80
N THR A 176 -22.63 -15.65 -18.54
CA THR A 176 -21.65 -15.14 -17.60
C THR A 176 -20.28 -15.20 -18.25
N GLU A 177 -19.50 -14.15 -18.09
CA GLU A 177 -18.16 -14.10 -18.67
C GLU A 177 -17.16 -14.51 -17.59
N VAL A 178 -16.20 -15.35 -17.96
CA VAL A 178 -15.19 -15.79 -17.03
C VAL A 178 -13.81 -15.26 -17.45
N VAL A 179 -13.17 -14.52 -16.55
CA VAL A 179 -11.85 -13.97 -16.81
C VAL A 179 -10.89 -14.84 -15.99
N VAL A 180 -9.89 -15.39 -16.66
CA VAL A 180 -8.95 -16.27 -16.00
C VAL A 180 -7.53 -16.02 -16.46
N ALA A 181 -6.57 -16.31 -15.59
CA ALA A 181 -5.16 -16.13 -15.94
C ALA A 181 -4.71 -17.37 -16.72
N ALA A 182 -5.25 -18.53 -16.34
CA ALA A 182 -4.89 -19.77 -17.00
C ALA A 182 -5.88 -20.91 -16.75
N ILE A 183 -5.93 -21.85 -17.70
CA ILE A 183 -6.81 -23.00 -17.61
C ILE A 183 -5.92 -24.24 -17.53
N ASP A 184 -6.02 -24.96 -16.43
CA ASP A 184 -5.20 -26.16 -16.23
C ASP A 184 -5.85 -27.41 -16.83
N GLU A 185 -5.23 -28.56 -16.58
CA GLU A 185 -5.71 -29.81 -17.16
C GLU A 185 -6.89 -30.53 -16.49
N ARG A 186 -6.93 -30.57 -15.17
CA ARG A 186 -8.02 -31.27 -14.48
C ARG A 186 -8.00 -31.12 -12.96
N LEU A 187 -8.89 -31.86 -12.31
CA LEU A 187 -8.96 -31.88 -10.86
C LEU A 187 -8.40 -33.23 -10.44
N ASN A 188 -7.54 -33.23 -9.44
CA ASN A 188 -6.93 -34.47 -8.97
C ASN A 188 -7.87 -35.24 -8.05
N ASP A 189 -7.42 -36.41 -7.63
CA ASP A 189 -8.18 -37.29 -6.74
C ASP A 189 -8.78 -36.61 -5.51
N HIS A 190 -8.28 -35.42 -5.16
CA HIS A 190 -8.78 -34.69 -4.00
C HIS A 190 -9.45 -33.34 -4.28
N GLY A 191 -9.85 -33.12 -5.53
CA GLY A 191 -10.52 -31.87 -5.87
C GLY A 191 -9.65 -30.66 -6.14
N TYR A 192 -8.34 -30.85 -6.20
CA TYR A 192 -7.45 -29.74 -6.46
C TYR A 192 -7.12 -29.62 -7.95
N ILE A 193 -6.99 -28.39 -8.41
CA ILE A 193 -6.66 -28.14 -9.81
C ILE A 193 -5.26 -28.65 -10.10
N VAL A 194 -5.07 -29.28 -11.26
CA VAL A 194 -3.78 -29.84 -11.66
C VAL A 194 -3.25 -29.19 -12.93
N PRO A 195 -1.99 -28.76 -12.93
CA PRO A 195 -1.05 -28.83 -11.81
C PRO A 195 -1.36 -27.78 -10.75
N GLY A 196 -2.20 -26.80 -11.09
CA GLY A 196 -2.59 -25.75 -10.17
C GLY A 196 -1.49 -25.12 -9.33
N LEU A 197 -1.81 -24.87 -8.04
CA LEU A 197 -0.86 -24.24 -7.13
C LEU A 197 -1.07 -24.62 -5.66
N GLY A 198 -1.82 -25.69 -5.42
CA GLY A 198 -2.09 -26.12 -4.06
C GLY A 198 -3.33 -25.45 -3.48
N ASP A 199 -3.37 -25.30 -2.16
CA ASP A 199 -4.51 -24.66 -1.51
C ASP A 199 -4.31 -23.15 -1.51
N ALA A 200 -5.09 -22.46 -2.33
CA ALA A 200 -4.97 -21.00 -2.43
C ALA A 200 -5.04 -20.30 -1.07
N GLY A 201 -6.15 -20.51 -0.37
CA GLY A 201 -6.32 -19.89 0.93
C GLY A 201 -5.14 -20.11 1.86
N ASP A 202 -4.78 -21.37 2.07
CA ASP A 202 -3.66 -21.70 2.94
C ASP A 202 -2.36 -21.02 2.52
N ARG A 203 -2.10 -20.98 1.21
CA ARG A 203 -0.87 -20.36 0.74
C ARG A 203 -0.85 -18.84 0.85
N ILE A 204 -2.03 -18.23 0.92
CA ILE A 204 -2.14 -16.78 1.05
C ILE A 204 -2.00 -16.31 2.50
N TYR A 205 -2.60 -17.05 3.44
CA TYR A 205 -2.57 -16.65 4.84
C TYR A 205 -1.67 -17.44 5.78
N GLY A 206 -0.98 -18.45 5.26
CA GLY A 206 -0.08 -19.25 6.05
C GLY A 206 -0.83 -20.11 7.05
N THR A 207 -1.83 -20.83 6.56
CA THR A 207 -2.63 -21.69 7.42
C THR A 207 -2.58 -23.14 6.97
N LYS A 208 -1.42 -23.57 6.47
CA LYS A 208 -1.27 -24.96 6.03
C LYS A 208 -1.58 -25.92 7.19
N MSE B 1 -8.97 -8.15 34.77
CA MSE B 1 -8.49 -8.16 33.35
C MSE B 1 -7.74 -6.89 33.02
O MSE B 1 -8.05 -5.81 33.53
CB MSE B 1 -9.68 -8.30 32.41
CG MSE B 1 -9.33 -8.25 30.93
SE MSE B 1 -10.93 -8.40 29.86
CE MSE B 1 -11.41 -6.55 29.89
N ARG B 2 -6.75 -7.01 32.15
CA ARG B 2 -5.96 -5.85 31.76
C ARG B 2 -6.52 -5.15 30.51
N ILE B 3 -6.56 -3.82 30.59
CA ILE B 3 -7.04 -3.02 29.48
C ILE B 3 -5.99 -1.97 29.21
N THR B 4 -5.63 -1.82 27.94
CA THR B 4 -4.63 -0.84 27.56
C THR B 4 -5.29 0.22 26.69
N LEU B 5 -5.45 1.41 27.25
CA LEU B 5 -6.07 2.50 26.51
C LEU B 5 -4.99 3.19 25.70
N VAL B 6 -5.07 3.10 24.38
CA VAL B 6 -4.06 3.72 23.52
C VAL B 6 -4.28 5.21 23.34
N ASP B 7 -3.32 5.98 23.84
CA ASP B 7 -3.38 7.42 23.76
C ASP B 7 -2.30 8.00 22.86
N HIS B 8 -2.73 8.51 21.71
CA HIS B 8 -1.83 9.12 20.73
C HIS B 8 -2.65 10.10 19.89
N PRO B 9 -2.14 11.31 19.70
CA PRO B 9 -2.87 12.32 18.92
C PRO B 9 -3.40 11.86 17.57
N LEU B 10 -2.63 11.03 16.86
CA LEU B 10 -3.07 10.59 15.55
C LEU B 10 -4.27 9.66 15.65
N VAL B 11 -4.32 8.89 16.73
CA VAL B 11 -5.42 7.96 16.94
C VAL B 11 -6.70 8.74 17.25
N GLN B 12 -6.58 9.73 18.14
CA GLN B 12 -7.75 10.53 18.50
C GLN B 12 -8.27 11.23 17.26
N HIS B 13 -7.38 11.91 16.56
CA HIS B 13 -7.73 12.62 15.34
C HIS B 13 -8.49 11.73 14.37
N LYS B 14 -7.89 10.60 14.01
CA LYS B 14 -8.52 9.68 13.06
C LYS B 14 -9.82 9.11 13.59
N LEU B 15 -9.88 8.89 14.90
CA LEU B 15 -11.09 8.34 15.50
C LEU B 15 -12.24 9.34 15.30
N ALA B 16 -11.91 10.63 15.36
CA ALA B 16 -12.89 11.70 15.17
C ALA B 16 -13.47 11.60 13.76
N HIS B 17 -12.60 11.32 12.80
CA HIS B 17 -13.01 11.18 11.40
C HIS B 17 -13.75 9.88 11.17
N LEU B 18 -13.46 8.84 11.95
CA LEU B 18 -14.18 7.59 11.79
C LEU B 18 -15.60 7.71 12.31
N ARG B 19 -15.76 8.39 13.44
CA ARG B 19 -17.07 8.58 14.06
C ARG B 19 -17.99 9.44 13.18
N ASP B 20 -17.45 10.50 12.61
CA ASP B 20 -18.21 11.40 11.73
C ASP B 20 -18.98 10.60 10.68
N LYS B 21 -20.31 10.69 10.72
CA LYS B 21 -21.15 9.95 9.76
C LYS B 21 -20.94 10.34 8.31
N ARG B 22 -20.38 11.52 8.08
CA ARG B 22 -20.12 12.01 6.73
C ARG B 22 -18.96 11.27 6.06
N THR B 23 -18.23 10.48 6.84
CA THR B 23 -17.09 9.76 6.29
C THR B 23 -17.49 8.50 5.54
N GLY B 24 -17.25 8.52 4.23
CA GLY B 24 -17.60 7.40 3.37
C GLY B 24 -16.71 6.18 3.49
N PRO B 25 -17.11 5.08 2.85
CA PRO B 25 -16.36 3.82 2.88
C PRO B 25 -14.85 3.89 2.59
N LYS B 26 -14.46 4.59 1.52
CA LYS B 26 -13.03 4.67 1.19
C LYS B 26 -12.19 5.27 2.32
N ASP B 27 -12.55 6.46 2.78
CA ASP B 27 -11.79 7.10 3.84
C ASP B 27 -11.92 6.36 5.17
N PHE B 28 -13.10 5.79 5.42
CA PHE B 28 -13.35 5.06 6.66
C PHE B 28 -12.44 3.85 6.71
N ARG B 29 -12.35 3.15 5.58
CA ARG B 29 -11.51 1.95 5.50
C ARG B 29 -10.04 2.30 5.70
N GLU B 30 -9.58 3.39 5.08
CA GLU B 30 -8.18 3.82 5.22
C GLU B 30 -7.90 4.24 6.66
N LEU B 31 -8.81 5.02 7.24
CA LEU B 31 -8.66 5.49 8.62
C LEU B 31 -8.57 4.32 9.59
N ALA B 32 -9.44 3.33 9.40
CA ALA B 32 -9.46 2.16 10.26
C ALA B 32 -8.14 1.41 10.16
N GLU B 33 -7.58 1.36 8.96
CA GLU B 33 -6.29 0.69 8.75
C GLU B 33 -5.19 1.43 9.49
N GLU B 34 -5.19 2.77 9.37
CA GLU B 34 -4.18 3.58 10.01
C GLU B 34 -4.26 3.45 11.53
N VAL B 35 -5.48 3.48 12.06
CA VAL B 35 -5.67 3.34 13.49
C VAL B 35 -5.10 2.00 13.96
N ALA B 36 -5.44 0.92 13.26
CA ALA B 36 -4.94 -0.41 13.62
C ALA B 36 -3.41 -0.42 13.67
N MSE B 37 -2.78 0.22 12.68
CA MSE B 37 -1.33 0.31 12.59
C MSE B 37 -0.76 0.99 13.83
O MSE B 37 0.18 0.49 14.45
CB MSE B 37 -0.93 1.12 11.36
CG MSE B 37 -1.25 0.48 10.02
SE MSE B 37 -0.79 1.64 8.51
CE MSE B 37 1.11 1.82 8.90
N LEU B 38 -1.33 2.14 14.15
CA LEU B 38 -0.91 2.93 15.29
C LEU B 38 -1.09 2.18 16.62
N MSE B 39 -2.20 1.46 16.75
CA MSE B 39 -2.43 0.70 17.98
C MSE B 39 -1.47 -0.49 18.07
O MSE B 39 -1.15 -0.95 19.16
CB MSE B 39 -3.87 0.17 18.04
CG MSE B 39 -4.95 1.25 18.15
SE MSE B 39 -6.68 0.42 18.17
CE MSE B 39 -6.41 -0.91 19.58
N ALA B 40 -1.02 -0.96 16.92
CA ALA B 40 -0.11 -2.10 16.89
C ALA B 40 1.21 -1.74 17.56
N TYR B 41 1.58 -0.48 17.53
CA TYR B 41 2.85 -0.07 18.14
C TYR B 41 2.89 -0.47 19.61
N GLU B 42 1.85 -0.09 20.35
CA GLU B 42 1.76 -0.37 21.77
C GLU B 42 1.56 -1.85 22.04
N ALA B 43 0.65 -2.48 21.28
CA ALA B 43 0.35 -3.89 21.46
C ALA B 43 1.50 -4.83 21.12
N MSE B 44 2.51 -4.34 20.41
CA MSE B 44 3.61 -5.22 20.04
C MSE B 44 4.93 -4.79 20.66
O MSE B 44 5.98 -5.37 20.38
CB MSE B 44 3.74 -5.27 18.51
CG MSE B 44 2.52 -5.89 17.86
SE MSE B 44 2.69 -6.13 15.93
CE MSE B 44 1.07 -7.12 15.64
N ARG B 45 4.87 -3.79 21.53
CA ARG B 45 6.07 -3.30 22.19
C ARG B 45 6.68 -4.38 23.10
N ASP B 46 5.91 -5.40 23.43
CA ASP B 46 6.42 -6.47 24.30
C ASP B 46 6.81 -7.74 23.53
N LEU B 47 7.09 -7.61 22.24
CA LEU B 47 7.50 -8.79 21.46
C LEU B 47 8.93 -9.11 21.91
N GLU B 48 9.20 -10.39 22.16
CA GLU B 48 10.51 -10.81 22.62
C GLU B 48 11.59 -10.84 21.54
N LEU B 49 12.81 -10.50 21.95
CA LEU B 49 13.98 -10.48 21.07
C LEU B 49 15.06 -11.46 21.53
N GLU B 50 16.06 -11.67 20.67
CA GLU B 50 17.19 -12.54 20.97
C GLU B 50 18.39 -12.01 20.18
N GLU B 51 19.58 -12.11 20.76
CA GLU B 51 20.78 -11.61 20.09
C GLU B 51 21.33 -12.50 19.00
N THR B 52 21.92 -11.88 17.99
CA THR B 52 22.54 -12.60 16.88
C THR B 52 23.51 -11.65 16.20
N THR B 53 24.14 -12.11 15.12
CA THR B 53 25.10 -11.28 14.39
C THR B 53 24.87 -11.39 12.88
N VAL B 54 25.16 -10.31 12.16
CA VAL B 54 25.01 -10.32 10.71
C VAL B 54 26.17 -9.55 10.12
N GLU B 55 26.37 -9.73 8.83
CA GLU B 55 27.43 -9.02 8.12
C GLU B 55 26.79 -7.84 7.42
N THR B 56 27.34 -6.67 7.69
CA THR B 56 26.89 -5.43 7.09
C THR B 56 27.80 -5.29 5.87
N PRO B 57 27.43 -4.43 4.90
CA PRO B 57 28.36 -4.34 3.77
C PRO B 57 29.61 -3.58 4.20
N ILE B 58 29.61 -3.15 5.46
CA ILE B 58 30.73 -2.39 6.01
C ILE B 58 31.53 -3.18 7.04
N ALA B 59 30.85 -3.97 7.86
CA ALA B 59 31.51 -4.75 8.91
C ALA B 59 30.51 -5.61 9.67
N PRO B 60 31.00 -6.51 10.54
CA PRO B 60 30.11 -7.38 11.33
C PRO B 60 29.29 -6.53 12.29
N ALA B 61 28.12 -7.02 12.68
CA ALA B 61 27.27 -6.28 13.60
C ALA B 61 26.48 -7.19 14.53
N ARG B 62 26.46 -6.83 15.81
CA ARG B 62 25.70 -7.60 16.80
C ARG B 62 24.32 -6.95 16.76
N VAL B 63 23.30 -7.75 16.54
CA VAL B 63 21.95 -7.20 16.47
C VAL B 63 20.96 -8.08 17.22
N LYS B 64 19.71 -7.65 17.23
CA LYS B 64 18.64 -8.41 17.89
C LYS B 64 17.49 -8.60 16.92
N VAL B 65 16.92 -9.80 16.92
CA VAL B 65 15.80 -10.13 16.05
C VAL B 65 14.71 -10.79 16.89
N LEU B 66 13.49 -10.80 16.37
CA LEU B 66 12.38 -11.43 17.08
C LEU B 66 12.67 -12.91 17.24
N SER B 67 12.22 -13.48 18.35
CA SER B 67 12.43 -14.91 18.60
C SER B 67 11.08 -15.61 18.51
N GLY B 68 11.11 -16.91 18.27
CA GLY B 68 9.86 -17.65 18.18
C GLY B 68 9.25 -17.63 16.79
N LYS B 69 8.13 -18.31 16.63
CA LYS B 69 7.44 -18.37 15.35
C LYS B 69 6.78 -17.04 15.02
N LYS B 70 6.45 -16.84 13.75
CA LYS B 70 5.80 -15.60 13.32
C LYS B 70 4.46 -15.44 14.04
N LEU B 71 4.15 -14.19 14.40
CA LEU B 71 2.93 -13.88 15.13
C LEU B 71 1.65 -14.11 14.31
N ALA B 72 0.55 -14.31 15.01
CA ALA B 72 -0.74 -14.56 14.38
C ALA B 72 -1.75 -13.42 14.52
N LEU B 73 -2.34 -13.02 13.40
CA LEU B 73 -3.34 -11.98 13.35
C LEU B 73 -4.65 -12.70 12.99
N VAL B 74 -5.65 -12.60 13.86
CA VAL B 74 -6.93 -13.27 13.63
C VAL B 74 -8.03 -12.24 13.54
N ALA B 75 -8.69 -12.18 12.39
CA ALA B 75 -9.76 -11.22 12.21
C ALA B 75 -11.13 -11.81 12.42
N ILE B 76 -12.02 -11.01 12.99
CA ILE B 76 -13.40 -11.45 13.14
C ILE B 76 -14.02 -10.78 11.92
N LEU B 77 -14.57 -11.58 11.00
CA LEU B 77 -15.19 -11.01 9.80
C LEU B 77 -16.46 -10.28 10.19
N ARG B 78 -16.78 -9.17 9.52
CA ARG B 78 -15.99 -8.65 8.41
C ARG B 78 -15.04 -7.53 8.83
N ALA B 79 -15.50 -6.68 9.74
CA ALA B 79 -14.74 -5.52 10.17
C ALA B 79 -13.30 -5.76 10.63
N GLY B 80 -13.01 -6.97 11.10
CA GLY B 80 -11.65 -7.26 11.54
C GLY B 80 -10.64 -7.26 10.39
N LEU B 81 -11.11 -7.55 9.19
CA LEU B 81 -10.25 -7.59 8.01
C LEU B 81 -9.43 -6.33 7.83
N VAL B 82 -10.07 -5.18 7.99
CA VAL B 82 -9.39 -3.91 7.81
C VAL B 82 -8.23 -3.73 8.79
N MSE B 83 -8.40 -4.25 10.01
CA MSE B 83 -7.35 -4.11 11.00
C MSE B 83 -6.18 -5.02 10.63
O MSE B 83 -5.01 -4.63 10.75
CB MSE B 83 -7.90 -4.46 12.41
CG MSE B 83 -8.94 -3.46 12.92
SE MSE B 83 -9.43 -3.73 14.82
CE MSE B 83 -7.92 -2.82 15.58
N VAL B 84 -6.49 -6.22 10.16
CA VAL B 84 -5.44 -7.14 9.74
C VAL B 84 -4.64 -6.51 8.58
N GLU B 85 -5.33 -5.90 7.63
CA GLU B 85 -4.65 -5.28 6.48
C GLU B 85 -3.72 -4.15 6.89
N GLY B 86 -4.16 -3.32 7.81
CA GLY B 86 -3.31 -2.23 8.26
C GLY B 86 -2.08 -2.78 8.97
N ILE B 87 -2.30 -3.70 9.91
CA ILE B 87 -1.20 -4.28 10.68
C ILE B 87 -0.19 -5.06 9.84
N LEU B 88 -0.66 -5.69 8.76
CA LEU B 88 0.24 -6.43 7.88
C LEU B 88 1.27 -5.50 7.25
N LYS B 89 0.97 -4.21 7.17
CA LYS B 89 1.91 -3.28 6.58
C LYS B 89 3.12 -3.09 7.49
N LEU B 90 2.98 -3.46 8.76
CA LEU B 90 4.07 -3.35 9.72
C LEU B 90 4.75 -4.71 9.86
N VAL B 91 3.94 -5.76 9.90
CA VAL B 91 4.43 -7.14 10.05
C VAL B 91 3.86 -8.04 8.95
N PRO B 92 4.36 -7.88 7.73
CA PRO B 92 3.89 -8.67 6.57
C PRO B 92 4.07 -10.19 6.61
N HIS B 93 4.92 -10.69 7.50
CA HIS B 93 5.12 -12.14 7.58
C HIS B 93 4.21 -12.79 8.60
N ALA B 94 3.37 -11.99 9.25
CA ALA B 94 2.47 -12.52 10.25
C ALA B 94 1.51 -13.52 9.61
N ARG B 95 1.14 -14.57 10.33
CA ARG B 95 0.19 -15.52 9.77
C ARG B 95 -1.21 -15.03 10.08
N VAL B 96 -2.15 -15.28 9.17
CA VAL B 96 -3.50 -14.77 9.33
C VAL B 96 -4.59 -15.81 9.49
N GLY B 97 -5.45 -15.57 10.47
CA GLY B 97 -6.56 -16.46 10.74
C GLY B 97 -7.84 -15.69 10.57
N HIS B 98 -8.93 -16.39 10.29
CA HIS B 98 -10.23 -15.75 10.12
C HIS B 98 -11.32 -16.47 10.91
N ILE B 99 -12.13 -15.70 11.64
CA ILE B 99 -13.24 -16.28 12.39
C ILE B 99 -14.49 -15.55 11.92
N GLY B 100 -15.39 -16.29 11.26
CA GLY B 100 -16.61 -15.71 10.74
C GLY B 100 -17.76 -15.69 11.72
N LEU B 101 -18.14 -14.48 12.14
CA LEU B 101 -19.24 -14.33 13.08
C LEU B 101 -20.03 -13.07 12.77
N TYR B 102 -21.35 -13.16 12.83
CA TYR B 102 -22.21 -12.00 12.64
C TYR B 102 -23.20 -12.04 13.81
N ARG B 103 -23.50 -10.87 14.35
CA ARG B 103 -24.41 -10.77 15.50
C ARG B 103 -25.88 -10.78 15.11
N ASP B 104 -26.62 -11.75 15.64
CA ASP B 104 -28.06 -11.83 15.36
C ASP B 104 -28.68 -10.53 15.83
N PRO B 105 -29.41 -9.83 14.95
CA PRO B 105 -30.06 -8.56 15.27
C PRO B 105 -31.07 -8.63 16.42
N GLU B 106 -31.74 -9.76 16.53
CA GLU B 106 -32.74 -9.97 17.57
C GLU B 106 -32.15 -10.30 18.94
N SER B 107 -31.53 -11.48 19.04
CA SER B 107 -30.94 -11.94 20.29
C SER B 107 -29.65 -11.21 20.63
N LEU B 108 -29.00 -10.64 19.62
CA LEU B 108 -27.74 -9.92 19.83
C LEU B 108 -26.62 -10.90 20.17
N ASN B 109 -26.82 -12.17 19.80
CA ASN B 109 -25.81 -13.20 20.04
C ASN B 109 -25.12 -13.55 18.73
N PRO B 110 -23.84 -13.96 18.81
CA PRO B 110 -23.06 -14.32 17.64
C PRO B 110 -23.45 -15.62 16.96
N VAL B 111 -23.33 -15.62 15.63
CA VAL B 111 -23.62 -16.78 14.79
C VAL B 111 -22.31 -17.10 14.07
N GLN B 112 -21.81 -18.31 14.27
CA GLN B 112 -20.55 -18.73 13.65
C GLN B 112 -20.75 -19.34 12.28
N TYR B 113 -19.86 -19.02 11.34
CA TYR B 113 -19.97 -19.58 10.00
C TYR B 113 -18.63 -19.94 9.39
N TYR B 114 -17.54 -19.75 10.15
CA TYR B 114 -16.21 -20.06 9.64
C TYR B 114 -15.09 -19.74 10.62
N ILE B 115 -14.06 -20.58 10.62
CA ILE B 115 -12.87 -20.37 11.44
C ILE B 115 -11.71 -21.10 10.80
N LYS B 116 -10.56 -20.42 10.75
CA LYS B 116 -9.35 -20.98 10.19
C LYS B 116 -8.21 -20.26 10.88
N LEU B 117 -7.30 -21.01 11.48
CA LEU B 117 -6.17 -20.41 12.19
C LEU B 117 -4.84 -20.99 11.72
N PRO B 118 -3.77 -20.21 11.90
CA PRO B 118 -2.45 -20.69 11.50
C PRO B 118 -2.12 -21.89 12.40
N PRO B 119 -1.20 -22.76 11.96
CA PRO B 119 -0.85 -23.92 12.78
C PRO B 119 0.07 -23.47 13.91
N ASP B 120 0.25 -24.33 14.92
CA ASP B 120 1.13 -24.00 16.06
C ASP B 120 0.69 -22.70 16.74
N ILE B 121 -0.62 -22.49 16.83
CA ILE B 121 -1.14 -21.27 17.43
C ILE B 121 -0.63 -21.03 18.85
N ALA B 122 -0.46 -22.10 19.62
CA ALA B 122 0.02 -21.98 21.00
C ALA B 122 1.46 -21.50 21.04
N GLU B 123 2.14 -21.56 19.90
CA GLU B 123 3.54 -21.16 19.83
C GLU B 123 3.74 -19.79 19.19
N ARG B 124 2.66 -19.05 18.99
CA ARG B 124 2.78 -17.73 18.37
C ARG B 124 2.11 -16.67 19.24
N ARG B 125 2.61 -15.45 19.19
CA ARG B 125 1.98 -14.35 19.92
C ARG B 125 0.70 -14.08 19.12
N ALA B 126 -0.44 -14.10 19.80
CA ALA B 126 -1.70 -13.92 19.12
C ALA B 126 -2.43 -12.60 19.36
N PHE B 127 -3.07 -12.10 18.29
CA PHE B 127 -3.82 -10.86 18.32
C PHE B 127 -5.17 -11.06 17.64
N LEU B 128 -6.25 -10.79 18.38
CA LEU B 128 -7.62 -10.92 17.88
C LEU B 128 -8.09 -9.53 17.52
N LEU B 129 -8.57 -9.37 16.29
CA LEU B 129 -8.99 -8.07 15.80
C LEU B 129 -10.46 -7.94 15.45
N ASP B 130 -11.08 -6.88 15.96
CA ASP B 130 -12.48 -6.57 15.71
C ASP B 130 -12.68 -5.16 16.27
N PRO B 131 -12.92 -4.18 15.39
CA PRO B 131 -13.12 -2.76 15.71
C PRO B 131 -14.07 -2.39 16.84
N MSE B 132 -15.18 -3.10 16.97
CA MSE B 132 -16.16 -2.76 17.99
C MSE B 132 -16.45 -3.84 19.02
O MSE B 132 -16.85 -4.95 18.67
CB MSE B 132 -17.48 -2.37 17.32
CG MSE B 132 -17.33 -1.39 16.15
SE MSE B 132 -16.89 0.40 16.64
CE MSE B 132 -18.69 1.05 16.97
N LEU B 133 -16.24 -3.49 20.30
CA LEU B 133 -16.52 -4.40 21.41
C LEU B 133 -17.80 -3.83 22.04
N ALA B 134 -18.95 -4.37 21.64
CA ALA B 134 -20.25 -3.89 22.10
C ALA B 134 -20.73 -4.67 23.33
N THR B 135 -21.46 -5.77 23.11
CA THR B 135 -21.91 -6.59 24.23
C THR B 135 -20.73 -7.49 24.60
N GLY B 136 -19.84 -7.73 23.64
CA GLY B 136 -18.68 -8.57 23.88
C GLY B 136 -18.97 -10.02 23.55
N GLY B 137 -20.19 -10.26 23.08
CA GLY B 137 -20.60 -11.62 22.73
C GLY B 137 -19.79 -12.27 21.62
N SER B 138 -19.55 -11.55 20.54
CA SER B 138 -18.80 -12.13 19.44
C SER B 138 -17.32 -12.31 19.79
N ALA B 139 -16.71 -11.29 20.38
CA ALA B 139 -15.29 -11.40 20.76
C ALA B 139 -15.08 -12.52 21.78
N SER B 140 -16.03 -12.68 22.70
CA SER B 140 -15.90 -13.75 23.68
C SER B 140 -15.95 -15.11 23.00
N LEU B 141 -16.87 -15.29 22.07
CA LEU B 141 -16.97 -16.56 21.34
C LEU B 141 -15.64 -16.83 20.61
N ALA B 142 -15.11 -15.80 19.96
CA ALA B 142 -13.86 -15.89 19.23
C ALA B 142 -12.74 -16.27 20.19
N LEU B 143 -12.71 -15.62 21.35
CA LEU B 143 -11.69 -15.91 22.35
C LEU B 143 -11.77 -17.36 22.81
N SER B 144 -12.98 -17.91 22.87
CA SER B 144 -13.16 -19.30 23.28
C SER B 144 -12.59 -20.22 22.21
N LEU B 145 -12.96 -19.92 20.96
CA LEU B 145 -12.50 -20.71 19.80
C LEU B 145 -10.98 -20.77 19.77
N LEU B 146 -10.34 -19.65 20.05
CA LEU B 146 -8.88 -19.59 20.07
C LEU B 146 -8.34 -20.38 21.25
N LYS B 147 -8.96 -20.21 22.41
CA LYS B 147 -8.52 -20.89 23.61
C LYS B 147 -8.53 -22.40 23.47
N GLU B 148 -9.66 -22.96 23.03
CA GLU B 148 -9.78 -24.40 22.89
C GLU B 148 -8.77 -24.99 21.91
N ARG B 149 -8.16 -24.12 21.09
CA ARG B 149 -7.17 -24.58 20.12
C ARG B 149 -5.73 -24.37 20.58
N GLY B 150 -5.54 -23.95 21.83
CA GLY B 150 -4.20 -23.77 22.34
C GLY B 150 -3.63 -22.37 22.43
N ALA B 151 -4.37 -21.37 21.95
CA ALA B 151 -3.86 -20.01 22.02
C ALA B 151 -3.79 -19.53 23.48
N THR B 152 -2.85 -18.64 23.76
CA THR B 152 -2.71 -18.10 25.12
C THR B 152 -2.09 -16.72 25.00
N GLY B 153 -2.30 -15.88 26.02
CA GLY B 153 -1.74 -14.55 26.01
C GLY B 153 -2.31 -13.71 24.89
N VAL B 154 -3.57 -13.98 24.55
CA VAL B 154 -4.23 -13.27 23.48
C VAL B 154 -4.53 -11.80 23.79
N LYS B 155 -4.24 -10.95 22.82
CA LYS B 155 -4.54 -9.53 22.96
C LYS B 155 -5.66 -9.21 21.98
N LEU B 156 -6.77 -8.76 22.52
CA LEU B 156 -7.94 -8.39 21.71
C LEU B 156 -7.78 -6.91 21.42
N MSE B 157 -7.75 -6.55 20.14
CA MSE B 157 -7.60 -5.16 19.74
C MSE B 157 -8.90 -4.64 19.14
O MSE B 157 -9.38 -5.15 18.13
CB MSE B 157 -6.45 -5.01 18.75
CG MSE B 157 -5.08 -5.41 19.31
SE MSE B 157 -3.66 -5.31 17.97
CE MSE B 157 -3.51 -3.42 17.81
N ALA B 158 -9.44 -3.61 19.77
CA ALA B 158 -10.68 -2.99 19.32
C ALA B 158 -10.45 -1.51 19.23
N ILE B 159 -11.21 -0.84 18.36
CA ILE B 159 -11.05 0.61 18.25
C ILE B 159 -11.90 1.28 19.31
N LEU B 160 -13.13 0.78 19.46
CA LEU B 160 -14.05 1.32 20.44
C LEU B 160 -14.65 0.20 21.28
N ALA B 161 -14.83 0.46 22.58
CA ALA B 161 -15.44 -0.54 23.43
C ALA B 161 -16.42 0.10 24.40
N ALA B 162 -17.50 -0.62 24.69
CA ALA B 162 -18.50 -0.17 25.64
C ALA B 162 -18.21 -0.88 26.95
N PRO B 163 -18.39 -0.19 28.09
CA PRO B 163 -18.15 -0.79 29.42
C PRO B 163 -18.75 -2.18 29.54
N GLU B 164 -19.95 -2.34 29.01
CA GLU B 164 -20.65 -3.62 29.04
C GLU B 164 -19.79 -4.71 28.35
N GLY B 165 -19.20 -4.35 27.22
CA GLY B 165 -18.37 -5.30 26.49
C GLY B 165 -17.12 -5.69 27.22
N LEU B 166 -16.46 -4.70 27.83
CA LEU B 166 -15.26 -4.96 28.59
C LEU B 166 -15.57 -5.91 29.75
N GLU B 167 -16.71 -5.68 30.40
CA GLU B 167 -17.14 -6.51 31.53
C GLU B 167 -17.42 -7.93 31.08
N ARG B 168 -17.98 -8.08 29.88
CA ARG B 168 -18.28 -9.41 29.34
C ARG B 168 -16.99 -10.23 29.16
N ILE B 169 -15.94 -9.59 28.64
CA ILE B 169 -14.68 -10.31 28.42
C ILE B 169 -14.00 -10.63 29.76
N ALA B 170 -14.01 -9.67 30.68
CA ALA B 170 -13.39 -9.90 31.99
C ALA B 170 -14.06 -11.09 32.67
N LYS B 171 -15.37 -11.21 32.47
CA LYS B 171 -16.15 -12.30 33.04
C LYS B 171 -15.77 -13.62 32.37
N ASP B 172 -15.94 -13.68 31.05
CA ASP B 172 -15.65 -14.89 30.28
C ASP B 172 -14.18 -15.26 30.05
N HIS B 173 -13.32 -14.27 29.82
CA HIS B 173 -11.91 -14.53 29.55
C HIS B 173 -10.99 -13.52 30.23
N PRO B 174 -10.91 -13.59 31.56
CA PRO B 174 -10.07 -12.67 32.35
C PRO B 174 -8.61 -12.56 31.94
N ASP B 175 -8.05 -13.63 31.37
CA ASP B 175 -6.66 -13.62 30.96
C ASP B 175 -6.36 -12.83 29.68
N THR B 176 -7.43 -12.49 28.98
CA THR B 176 -7.33 -11.70 27.76
C THR B 176 -6.89 -10.28 28.12
N GLU B 177 -6.07 -9.67 27.26
CA GLU B 177 -5.70 -8.28 27.46
C GLU B 177 -6.46 -7.55 26.33
N VAL B 178 -7.14 -6.47 26.67
CA VAL B 178 -7.89 -5.72 25.67
C VAL B 178 -7.23 -4.38 25.42
N VAL B 179 -6.85 -4.14 24.17
CA VAL B 179 -6.23 -2.90 23.75
C VAL B 179 -7.33 -2.13 23.01
N VAL B 180 -7.54 -0.87 23.38
CA VAL B 180 -8.58 -0.07 22.73
C VAL B 180 -8.15 1.37 22.55
N ALA B 181 -8.77 2.06 21.61
CA ALA B 181 -8.45 3.45 21.36
C ALA B 181 -9.38 4.36 22.16
N ALA B 182 -10.53 3.84 22.54
CA ALA B 182 -11.47 4.64 23.32
C ALA B 182 -12.55 3.79 23.98
N ILE B 183 -13.02 4.25 25.12
CA ILE B 183 -14.08 3.57 25.83
C ILE B 183 -15.28 4.51 25.74
N ASP B 184 -16.39 4.01 25.21
CA ASP B 184 -17.55 4.88 25.08
C ASP B 184 -18.54 4.77 26.24
N GLU B 185 -19.70 5.41 26.07
CA GLU B 185 -20.70 5.46 27.14
C GLU B 185 -21.48 4.21 27.47
N ARG B 186 -22.14 3.64 26.46
CA ARG B 186 -22.98 2.48 26.68
C ARG B 186 -23.46 1.95 25.34
N LEU B 187 -24.41 1.02 25.40
CA LEU B 187 -25.01 0.43 24.20
C LEU B 187 -26.44 0.95 24.15
N ASN B 188 -27.02 1.03 22.96
CA ASN B 188 -28.40 1.47 22.86
C ASN B 188 -29.28 0.24 22.80
N ASP B 189 -30.59 0.45 22.67
CA ASP B 189 -31.55 -0.65 22.62
C ASP B 189 -31.23 -1.71 21.58
N HIS B 190 -30.59 -1.30 20.50
CA HIS B 190 -30.25 -2.22 19.42
C HIS B 190 -28.85 -2.86 19.51
N GLY B 191 -28.13 -2.57 20.59
CA GLY B 191 -26.81 -3.15 20.75
C GLY B 191 -25.69 -2.35 20.12
N TYR B 192 -25.96 -1.10 19.80
CA TYR B 192 -24.93 -0.26 19.20
C TYR B 192 -24.24 0.61 20.23
N ILE B 193 -22.94 0.82 20.03
CA ILE B 193 -22.16 1.64 20.93
C ILE B 193 -22.53 3.10 20.76
N VAL B 194 -22.66 3.80 21.88
CA VAL B 194 -23.00 5.22 21.88
C VAL B 194 -21.86 5.98 22.53
N PRO B 195 -21.33 7.03 21.87
CA PRO B 195 -21.77 7.51 20.55
C PRO B 195 -21.31 6.57 19.42
N GLY B 196 -20.28 5.77 19.70
CA GLY B 196 -19.76 4.83 18.72
C GLY B 196 -19.49 5.46 17.36
N LEU B 197 -19.81 4.72 16.30
CA LEU B 197 -19.62 5.20 14.93
C LEU B 197 -20.54 4.47 13.95
N GLY B 198 -21.53 3.75 14.47
CA GLY B 198 -22.44 3.02 13.60
C GLY B 198 -22.02 1.57 13.41
N ASP B 199 -22.33 1.03 12.23
CA ASP B 199 -22.00 -0.35 11.90
C ASP B 199 -20.66 -0.38 11.16
N ALA B 200 -19.59 -0.75 11.87
CA ALA B 200 -18.25 -0.80 11.29
C ALA B 200 -18.23 -1.45 9.91
N GLY B 201 -18.66 -2.70 9.83
CA GLY B 201 -18.68 -3.42 8.58
C GLY B 201 -19.33 -2.70 7.41
N ASP B 202 -20.55 -2.21 7.61
CA ASP B 202 -21.26 -1.50 6.56
C ASP B 202 -20.52 -0.24 6.16
N ARG B 203 -19.92 0.44 7.14
CA ARG B 203 -19.21 1.67 6.85
C ARG B 203 -17.84 1.45 6.21
N ILE B 204 -17.34 0.23 6.31
CA ILE B 204 -16.04 -0.12 5.74
C ILE B 204 -16.17 -0.57 4.28
N TYR B 205 -17.15 -1.42 4.03
CA TYR B 205 -17.36 -1.97 2.70
C TYR B 205 -18.52 -1.37 1.91
N GLY B 206 -19.20 -0.41 2.51
CA GLY B 206 -20.32 0.25 1.84
C GLY B 206 -21.50 -0.69 1.62
N THR B 207 -21.95 -1.32 2.70
CA THR B 207 -23.07 -2.25 2.61
C THR B 207 -24.22 -1.83 3.53
N LYS B 208 -25.27 -2.62 3.55
CA LYS B 208 -26.44 -2.34 4.39
C LYS B 208 -27.18 -3.61 4.78
N MSE C 1 21.96 17.95 22.80
CA MSE C 1 20.62 18.26 22.24
C MSE C 1 19.64 17.13 22.50
O MSE C 1 20.01 16.08 23.00
CB MSE C 1 20.73 18.51 20.73
CG MSE C 1 21.14 17.30 19.88
SE MSE C 1 21.22 17.67 17.93
CE MSE C 1 20.83 19.56 17.94
N ARG C 2 18.37 17.36 22.16
CA ARG C 2 17.34 16.33 22.37
C ARG C 2 17.48 15.21 21.36
N ILE C 3 17.62 13.99 21.86
CA ILE C 3 17.76 12.82 21.02
C ILE C 3 16.83 11.73 21.52
N THR C 4 15.97 11.23 20.65
CA THR C 4 15.06 10.16 21.04
C THR C 4 15.55 8.89 20.37
N LEU C 5 15.79 7.86 21.17
CA LEU C 5 16.26 6.60 20.64
C LEU C 5 15.04 5.72 20.58
N VAL C 6 14.46 5.60 19.39
CA VAL C 6 13.28 4.78 19.26
C VAL C 6 13.59 3.38 19.67
N ASP C 7 13.01 3.01 20.80
CA ASP C 7 13.17 1.71 21.42
C ASP C 7 11.89 0.90 21.26
N HIS C 8 11.90 -0.05 20.33
CA HIS C 8 10.75 -0.91 20.08
C HIS C 8 11.29 -2.17 19.41
N PRO C 9 10.87 -3.35 19.87
CA PRO C 9 11.34 -4.62 19.30
C PRO C 9 11.21 -4.72 17.76
N LEU C 10 10.13 -4.19 17.20
CA LEU C 10 9.96 -4.26 15.75
C LEU C 10 11.03 -3.43 15.06
N VAL C 11 11.43 -2.31 15.66
CA VAL C 11 12.46 -1.47 15.08
C VAL C 11 13.82 -2.14 15.16
N GLN C 12 14.12 -2.76 16.29
CA GLN C 12 15.41 -3.43 16.44
C GLN C 12 15.54 -4.55 15.42
N HIS C 13 14.50 -5.36 15.36
CA HIS C 13 14.40 -6.49 14.44
C HIS C 13 14.58 -6.07 12.98
N LYS C 14 13.80 -5.07 12.56
CA LYS C 14 13.86 -4.62 11.17
C LYS C 14 15.21 -3.98 10.88
N LEU C 15 15.77 -3.27 11.85
CA LEU C 15 17.07 -2.65 11.69
C LEU C 15 18.10 -3.76 11.43
N ALA C 16 17.95 -4.87 12.13
CA ALA C 16 18.84 -6.01 11.97
C ALA C 16 18.83 -6.49 10.52
N HIS C 17 17.64 -6.61 9.96
CA HIS C 17 17.49 -7.06 8.57
C HIS C 17 17.96 -6.02 7.58
N LEU C 18 17.85 -4.74 7.93
CA LEU C 18 18.32 -3.69 7.04
C LEU C 18 19.86 -3.70 7.00
N ARG C 19 20.46 -4.00 8.15
CA ARG C 19 21.92 -4.05 8.26
C ARG C 19 22.50 -5.23 7.45
N ASP C 20 21.88 -6.39 7.60
CA ASP C 20 22.30 -7.61 6.92
C ASP C 20 22.50 -7.35 5.42
N LYS C 21 23.73 -7.53 4.95
CA LYS C 21 24.04 -7.28 3.54
C LYS C 21 23.33 -8.17 2.52
N ARG C 22 22.69 -9.24 2.99
CA ARG C 22 21.98 -10.15 2.09
C ARG C 22 20.58 -9.63 1.73
N THR C 23 20.13 -8.57 2.39
CA THR C 23 18.81 -8.02 2.15
C THR C 23 18.76 -7.24 0.83
N GLY C 24 17.97 -7.74 -0.12
CA GLY C 24 17.86 -7.09 -1.42
C GLY C 24 17.07 -5.81 -1.43
N PRO C 25 17.10 -5.05 -2.54
CA PRO C 25 16.39 -3.77 -2.68
C PRO C 25 14.90 -3.78 -2.32
N LYS C 26 14.17 -4.80 -2.74
CA LYS C 26 12.75 -4.85 -2.43
C LYS C 26 12.48 -4.93 -0.93
N ASP C 27 13.10 -5.89 -0.26
CA ASP C 27 12.93 -6.03 1.19
C ASP C 27 13.52 -4.84 1.94
N PHE C 28 14.67 -4.35 1.48
CA PHE C 28 15.32 -3.22 2.12
C PHE C 28 14.37 -2.03 2.09
N ARG C 29 13.78 -1.79 0.92
CA ARG C 29 12.87 -0.65 0.75
C ARG C 29 11.66 -0.79 1.68
N GLU C 30 11.08 -1.99 1.75
CA GLU C 30 9.91 -2.21 2.60
C GLU C 30 10.29 -2.01 4.07
N LEU C 31 11.41 -2.60 4.48
CA LEU C 31 11.88 -2.46 5.85
C LEU C 31 12.07 -1.01 6.24
N ALA C 32 12.68 -0.22 5.36
CA ALA C 32 12.91 1.18 5.68
C ALA C 32 11.60 1.94 5.89
N GLU C 33 10.59 1.62 5.07
CA GLU C 33 9.29 2.27 5.21
C GLU C 33 8.66 1.87 6.54
N GLU C 34 8.78 0.60 6.90
CA GLU C 34 8.21 0.08 8.13
C GLU C 34 8.88 0.73 9.35
N VAL C 35 10.20 0.79 9.32
CA VAL C 35 10.95 1.42 10.39
C VAL C 35 10.54 2.89 10.47
N ALA C 36 10.44 3.55 9.31
CA ALA C 36 10.06 4.97 9.30
C ALA C 36 8.70 5.18 9.97
N MSE C 37 7.77 4.26 9.72
CA MSE C 37 6.43 4.37 10.29
C MSE C 37 6.47 4.19 11.81
O MSE C 37 5.79 4.92 12.54
CB MSE C 37 5.51 3.30 9.70
CG MSE C 37 5.29 3.38 8.19
SE MSE C 37 4.29 1.83 7.62
CE MSE C 37 5.57 1.03 6.43
N LEU C 38 7.22 3.20 12.28
CA LEU C 38 7.32 2.96 13.72
C LEU C 38 7.91 4.21 14.38
N MSE C 39 8.98 4.75 13.80
CA MSE C 39 9.62 5.94 14.35
C MSE C 39 8.68 7.16 14.35
O MSE C 39 8.73 7.98 15.27
CB MSE C 39 10.87 6.29 13.54
CG MSE C 39 12.08 5.38 13.83
SE MSE C 39 13.55 5.78 12.63
CE MSE C 39 14.04 7.53 13.25
N ALA C 40 7.84 7.27 13.33
CA ALA C 40 6.90 8.38 13.23
C ALA C 40 5.98 8.40 14.45
N TYR C 41 5.64 7.21 14.95
CA TYR C 41 4.76 7.11 16.11
C TYR C 41 5.32 7.93 17.29
N GLU C 42 6.59 7.74 17.61
CA GLU C 42 7.24 8.48 18.71
C GLU C 42 7.39 9.96 18.38
N ALA C 43 7.90 10.22 17.18
CA ALA C 43 8.13 11.59 16.73
C ALA C 43 6.86 12.43 16.68
N MSE C 44 5.72 11.79 16.59
CA MSE C 44 4.47 12.54 16.51
C MSE C 44 3.56 12.49 17.73
O MSE C 44 2.41 12.93 17.67
CB MSE C 44 3.69 12.11 15.25
CG MSE C 44 4.37 12.56 13.95
SE MSE C 44 3.54 11.84 12.33
CE MSE C 44 4.78 12.55 11.01
N ARG C 45 4.06 11.94 18.85
CA ARG C 45 3.26 11.89 20.07
C ARG C 45 2.97 13.34 20.43
N ASP C 46 3.83 14.20 19.90
CA ASP C 46 3.87 15.66 20.03
C ASP C 46 2.74 16.49 19.43
N LEU C 47 2.07 15.93 18.43
CA LEU C 47 1.03 16.67 17.73
C LEU C 47 -0.08 17.27 18.59
N GLU C 48 -0.21 18.59 18.51
CA GLU C 48 -1.23 19.32 19.25
C GLU C 48 -2.63 19.02 18.71
N LEU C 49 -3.58 18.87 19.64
CA LEU C 49 -4.96 18.57 19.29
C LEU C 49 -5.89 19.69 19.76
N GLU C 50 -7.10 19.73 19.21
CA GLU C 50 -8.10 20.71 19.61
C GLU C 50 -9.43 19.99 19.73
N GLU C 51 -10.30 20.52 20.58
CA GLU C 51 -11.60 19.92 20.84
C GLU C 51 -12.70 20.37 19.88
N THR C 52 -13.57 19.45 19.51
CA THR C 52 -14.67 19.76 18.60
C THR C 52 -15.71 18.67 18.71
N THR C 53 -16.74 18.74 17.87
CA THR C 53 -17.80 17.74 17.90
C THR C 53 -18.15 17.31 16.49
N VAL C 54 -18.77 16.14 16.38
CA VAL C 54 -19.22 15.61 15.10
C VAL C 54 -20.46 14.78 15.38
N GLU C 55 -21.17 14.42 14.34
CA GLU C 55 -22.35 13.60 14.48
C GLU C 55 -22.05 12.20 13.98
N THR C 56 -22.19 11.21 14.86
CA THR C 56 -21.96 9.84 14.45
C THR C 56 -23.33 9.33 14.00
N PRO C 57 -23.37 8.18 13.34
CA PRO C 57 -24.65 7.62 12.89
C PRO C 57 -25.58 7.35 14.07
N ILE C 58 -25.02 7.33 15.27
CA ILE C 58 -25.80 7.05 16.47
C ILE C 58 -26.12 8.31 17.26
N ALA C 59 -25.13 9.17 17.46
CA ALA C 59 -25.35 10.37 18.25
C ALA C 59 -24.18 11.34 18.16
N PRO C 60 -24.34 12.53 18.75
CA PRO C 60 -23.30 13.56 18.74
C PRO C 60 -22.13 13.05 19.59
N ALA C 61 -20.91 13.44 19.23
CA ALA C 61 -19.74 13.00 19.98
C ALA C 61 -18.67 14.08 20.09
N ARG C 62 -18.20 14.32 21.30
CA ARG C 62 -17.14 15.30 21.51
C ARG C 62 -15.87 14.54 21.16
N VAL C 63 -15.04 15.13 20.31
CA VAL C 63 -13.82 14.48 19.89
C VAL C 63 -12.68 15.48 19.83
N LYS C 64 -11.52 14.99 19.41
CA LYS C 64 -10.35 15.85 19.26
C LYS C 64 -9.73 15.60 17.90
N VAL C 65 -9.30 16.68 17.25
CA VAL C 65 -8.65 16.59 15.95
C VAL C 65 -7.37 17.42 15.99
N LEU C 66 -6.50 17.23 15.01
CA LEU C 66 -5.26 17.98 14.96
C LEU C 66 -5.50 19.46 14.71
N SER C 67 -4.75 20.31 15.39
CA SER C 67 -4.91 21.75 15.22
C SER C 67 -3.89 22.28 14.22
N GLY C 68 -4.19 23.43 13.63
CA GLY C 68 -3.28 24.03 12.68
C GLY C 68 -3.25 23.39 11.29
N LYS C 69 -2.26 23.78 10.50
CA LYS C 69 -2.10 23.26 9.14
C LYS C 69 -1.49 21.86 9.12
N LYS C 70 -1.60 21.20 7.98
CA LYS C 70 -1.04 19.86 7.81
C LYS C 70 0.48 19.91 8.04
N LEU C 71 1.01 18.85 8.62
CA LEU C 71 2.44 18.75 8.91
C LEU C 71 3.23 18.51 7.64
N ALA C 72 4.50 18.92 7.67
CA ALA C 72 5.38 18.76 6.53
C ALA C 72 6.44 17.66 6.69
N LEU C 73 6.57 16.84 5.65
CA LEU C 73 7.58 15.78 5.62
C LEU C 73 8.55 16.26 4.54
N VAL C 74 9.80 16.52 4.93
CA VAL C 74 10.80 16.98 3.97
C VAL C 74 11.86 15.91 3.82
N ALA C 75 11.99 15.38 2.60
CA ALA C 75 12.97 14.33 2.35
C ALA C 75 14.26 14.85 1.74
N ILE C 76 15.36 14.20 2.12
CA ILE C 76 16.66 14.52 1.56
C ILE C 76 16.86 13.41 0.53
N LEU C 77 16.81 13.77 -0.75
CA LEU C 77 16.98 12.79 -1.83
C LEU C 77 18.39 12.22 -1.75
N ARG C 78 18.55 10.93 -2.09
CA ARG C 78 17.46 10.05 -2.53
C ARG C 78 16.80 9.30 -1.40
N ALA C 79 17.64 8.73 -0.54
CA ALA C 79 17.22 7.91 0.59
C ALA C 79 16.05 8.39 1.44
N GLY C 80 15.88 9.70 1.57
CA GLY C 80 14.78 10.21 2.37
C GLY C 80 13.41 9.85 1.81
N LEU C 81 13.33 9.68 0.49
CA LEU C 81 12.07 9.34 -0.16
C LEU C 81 11.39 8.13 0.47
N VAL C 82 12.16 7.08 0.73
CA VAL C 82 11.57 5.88 1.30
C VAL C 82 10.91 6.12 2.66
N MSE C 83 11.47 7.05 3.44
CA MSE C 83 10.90 7.36 4.75
C MSE C 83 9.62 8.16 4.59
O MSE C 83 8.66 7.95 5.33
CB MSE C 83 11.92 8.15 5.61
CG MSE C 83 13.09 7.31 6.09
SE MSE C 83 14.33 8.28 7.27
CE MSE C 83 13.46 7.82 8.96
N VAL C 84 9.58 9.05 3.61
CA VAL C 84 8.39 9.85 3.34
C VAL C 84 7.24 8.91 2.96
N GLU C 85 7.52 7.93 2.11
CA GLU C 85 6.50 6.99 1.65
C GLU C 85 5.91 6.18 2.79
N GLY C 86 6.78 5.69 3.67
CA GLY C 86 6.30 4.93 4.81
C GLY C 86 5.42 5.80 5.68
N ILE C 87 5.94 6.94 6.09
CA ILE C 87 5.18 7.85 6.95
C ILE C 87 3.86 8.33 6.34
N LEU C 88 3.81 8.49 5.01
CA LEU C 88 2.57 8.92 4.34
C LEU C 88 1.46 7.89 4.59
N LYS C 89 1.84 6.62 4.76
CA LYS C 89 0.85 5.58 5.02
C LYS C 89 0.08 5.86 6.32
N LEU C 90 0.62 6.72 7.19
CA LEU C 90 -0.03 7.07 8.46
C LEU C 90 -0.67 8.44 8.40
N VAL C 91 -0.01 9.37 7.71
CA VAL C 91 -0.50 10.73 7.58
C VAL C 91 -0.48 11.13 6.10
N PRO C 92 -1.40 10.55 5.30
CA PRO C 92 -1.50 10.81 3.86
C PRO C 92 -1.80 12.24 3.40
N HIS C 93 -2.26 13.09 4.32
CA HIS C 93 -2.54 14.49 3.99
C HIS C 93 -1.34 15.38 4.23
N ALA C 94 -0.21 14.79 4.63
CA ALA C 94 1.00 15.58 4.89
C ALA C 94 1.55 16.18 3.61
N ARG C 95 2.09 17.39 3.70
CA ARG C 95 2.70 18.02 2.54
C ARG C 95 4.16 17.58 2.49
N VAL C 96 4.62 17.27 1.28
CA VAL C 96 5.98 16.77 1.10
C VAL C 96 6.93 17.75 0.43
N GLY C 97 8.08 17.94 1.05
CA GLY C 97 9.10 18.83 0.51
C GLY C 97 10.24 17.94 0.05
N HIS C 98 11.10 18.46 -0.83
CA HIS C 98 12.24 17.69 -1.30
C HIS C 98 13.48 18.57 -1.37
N ILE C 99 14.59 18.05 -0.85
CA ILE C 99 15.85 18.78 -0.88
C ILE C 99 16.84 17.82 -1.52
N GLY C 100 17.30 18.18 -2.72
CA GLY C 100 18.23 17.33 -3.42
C GLY C 100 19.66 17.54 -2.98
N LEU C 101 20.24 16.52 -2.36
CA LEU C 101 21.62 16.59 -1.90
C LEU C 101 22.36 15.28 -2.08
N TYR C 102 23.60 15.37 -2.55
CA TYR C 102 24.44 14.18 -2.69
C TYR C 102 25.83 14.58 -2.17
N ARG C 103 26.58 13.59 -1.70
CA ARG C 103 27.89 13.84 -1.13
C ARG C 103 29.07 13.63 -2.08
N ASP C 104 29.86 14.68 -2.27
CA ASP C 104 31.03 14.60 -3.13
C ASP C 104 31.91 13.53 -2.50
N PRO C 105 32.17 12.43 -3.23
CA PRO C 105 32.99 11.31 -2.75
C PRO C 105 34.45 11.70 -2.53
N GLU C 106 34.67 12.97 -2.20
CA GLU C 106 36.01 13.49 -1.96
C GLU C 106 36.02 14.33 -0.69
N SER C 107 35.38 15.49 -0.75
CA SER C 107 35.33 16.39 0.39
C SER C 107 34.24 15.99 1.39
N LEU C 108 33.47 14.96 1.03
CA LEU C 108 32.38 14.48 1.87
C LEU C 108 31.39 15.60 2.17
N ASN C 109 31.49 16.68 1.40
CA ASN C 109 30.59 17.82 1.54
C ASN C 109 29.41 17.64 0.59
N PRO C 110 28.22 18.12 0.99
CA PRO C 110 27.02 18.00 0.18
C PRO C 110 26.92 18.99 -0.98
N VAL C 111 26.27 18.52 -2.05
CA VAL C 111 26.03 19.34 -3.24
C VAL C 111 24.51 19.44 -3.40
N GLN C 112 24.02 20.67 -3.48
CA GLN C 112 22.60 20.92 -3.60
C GLN C 112 22.13 21.03 -5.04
N TYR C 113 21.17 20.19 -5.42
CA TYR C 113 20.66 20.22 -6.78
C TYR C 113 19.14 20.38 -6.84
N TYR C 114 18.52 20.62 -5.68
CA TYR C 114 17.07 20.81 -5.64
C TYR C 114 16.48 21.07 -4.26
N ILE C 115 15.43 21.89 -4.24
CA ILE C 115 14.71 22.21 -3.02
C ILE C 115 13.33 22.74 -3.35
N LYS C 116 12.32 22.12 -2.74
CA LYS C 116 10.94 22.52 -2.92
C LYS C 116 10.23 22.19 -1.60
N LEU C 117 9.65 23.21 -0.96
CA LEU C 117 8.97 23.03 0.31
C LEU C 117 7.51 23.50 0.30
N PRO C 118 6.68 22.92 1.19
CA PRO C 118 5.26 23.31 1.29
C PRO C 118 5.17 24.79 1.67
N PRO C 119 4.11 25.48 1.20
CA PRO C 119 3.98 26.90 1.54
C PRO C 119 3.72 27.09 3.03
N ASP C 120 4.17 28.23 3.57
CA ASP C 120 3.99 28.55 4.99
C ASP C 120 4.51 27.46 5.92
N ILE C 121 5.71 26.95 5.67
CA ILE C 121 6.24 25.89 6.50
C ILE C 121 6.43 26.36 7.96
N ALA C 122 6.47 27.68 8.17
CA ALA C 122 6.63 28.23 9.51
C ALA C 122 5.41 27.92 10.39
N GLU C 123 4.30 27.55 9.76
CA GLU C 123 3.09 27.24 10.51
C GLU C 123 2.74 25.76 10.42
N ARG C 124 3.74 24.93 10.17
CA ARG C 124 3.50 23.49 10.07
C ARG C 124 4.50 22.75 10.96
N ARG C 125 4.07 21.61 11.50
CA ARG C 125 4.98 20.81 12.30
C ARG C 125 5.86 20.17 11.21
N ALA C 126 7.17 20.26 11.36
CA ALA C 126 8.07 19.74 10.34
C ALA C 126 8.99 18.60 10.75
N PHE C 127 9.19 17.67 9.81
CA PHE C 127 10.03 16.52 9.99
C PHE C 127 11.00 16.38 8.81
N LEU C 128 12.29 16.38 9.09
CA LEU C 128 13.33 16.24 8.09
C LEU C 128 13.73 14.78 8.11
N LEU C 129 13.71 14.13 6.94
CA LEU C 129 14.02 12.71 6.88
C LEU C 129 15.26 12.39 6.04
N ASP C 130 16.22 11.71 6.67
CA ASP C 130 17.43 11.29 5.98
C ASP C 130 17.91 10.08 6.73
N PRO C 131 17.69 8.89 6.17
CA PRO C 131 18.06 7.60 6.74
C PRO C 131 19.43 7.54 7.45
N MSE C 132 20.45 8.16 6.87
CA MSE C 132 21.77 8.09 7.47
C MSE C 132 22.38 9.42 7.87
O MSE C 132 22.63 10.29 7.02
CB MSE C 132 22.74 7.38 6.52
CG MSE C 132 22.26 6.05 5.99
SE MSE C 132 22.12 4.61 7.25
CE MSE C 132 23.91 3.87 7.07
N LEU C 133 22.63 9.57 9.16
CA LEU C 133 23.25 10.78 9.68
C LEU C 133 24.73 10.42 9.88
N ALA C 134 25.53 10.59 8.82
CA ALA C 134 26.95 10.26 8.86
C ALA C 134 27.81 11.40 9.39
N THR C 135 28.30 12.26 8.49
CA THR C 135 29.11 13.40 8.91
C THR C 135 28.17 14.50 9.35
N GLY C 136 26.90 14.38 8.95
CA GLY C 136 25.90 15.39 9.29
C GLY C 136 25.92 16.62 8.41
N GLY C 137 26.82 16.62 7.43
CA GLY C 137 26.92 17.76 6.53
C GLY C 137 25.64 17.99 5.73
N SER C 138 25.04 16.90 5.26
CA SER C 138 23.80 16.98 4.47
C SER C 138 22.65 17.50 5.30
N ALA C 139 22.39 16.83 6.41
CA ALA C 139 21.31 17.22 7.29
C ALA C 139 21.48 18.65 7.80
N SER C 140 22.71 19.03 8.11
CA SER C 140 22.96 20.39 8.60
C SER C 140 22.60 21.45 7.56
N LEU C 141 23.02 21.22 6.32
CA LEU C 141 22.68 22.15 5.24
C LEU C 141 21.15 22.16 5.09
N ALA C 142 20.56 20.97 5.04
CA ALA C 142 19.11 20.86 4.93
C ALA C 142 18.39 21.69 5.99
N LEU C 143 18.87 21.60 7.23
CA LEU C 143 18.28 22.34 8.34
C LEU C 143 18.45 23.84 8.16
N SER C 144 19.58 24.25 7.60
CA SER C 144 19.83 25.66 7.36
C SER C 144 18.81 26.16 6.34
N LEU C 145 18.61 25.36 5.29
CA LEU C 145 17.67 25.71 4.24
C LEU C 145 16.27 25.88 4.85
N LEU C 146 15.85 24.91 5.64
CA LEU C 146 14.54 24.98 6.29
C LEU C 146 14.43 26.19 7.21
N LYS C 147 15.51 26.48 7.93
CA LYS C 147 15.51 27.60 8.87
C LYS C 147 15.28 28.94 8.19
N GLU C 148 16.03 29.21 7.13
CA GLU C 148 15.89 30.49 6.43
C GLU C 148 14.52 30.68 5.78
N ARG C 149 13.77 29.59 5.62
CA ARG C 149 12.44 29.67 5.02
C ARG C 149 11.35 29.74 6.09
N GLY C 150 11.75 29.92 7.35
CA GLY C 150 10.78 30.06 8.42
C GLY C 150 10.43 28.84 9.26
N ALA C 151 10.94 27.67 8.91
CA ALA C 151 10.62 26.46 9.68
C ALA C 151 11.23 26.50 11.08
N THR C 152 10.52 25.93 12.05
CA THR C 152 10.99 25.89 13.43
C THR C 152 10.52 24.60 14.10
N GLY C 153 11.17 24.24 15.19
CA GLY C 153 10.81 23.03 15.91
C GLY C 153 10.95 21.77 15.08
N VAL C 154 11.89 21.80 14.13
CA VAL C 154 12.14 20.68 13.23
C VAL C 154 12.76 19.46 13.89
N LYS C 155 12.19 18.29 13.61
CA LYS C 155 12.73 17.04 14.12
C LYS C 155 13.38 16.29 12.96
N LEU C 156 14.68 16.02 13.12
CA LEU C 156 15.45 15.28 12.12
C LEU C 156 15.26 13.81 12.46
N MSE C 157 14.88 13.02 11.47
CA MSE C 157 14.66 11.61 11.66
C MSE C 157 15.62 10.80 10.81
O MSE C 157 15.70 10.97 9.58
CB MSE C 157 13.21 11.25 11.31
CG MSE C 157 12.16 11.87 12.25
SE MSE C 157 10.32 11.49 11.69
CE MSE C 157 10.29 9.60 12.02
N ALA C 158 16.36 9.92 11.47
CA ALA C 158 17.33 9.08 10.79
C ALA C 158 17.26 7.70 11.37
N ILE C 159 17.57 6.70 10.55
CA ILE C 159 17.53 5.34 11.02
C ILE C 159 18.81 5.04 11.81
N LEU C 160 19.94 5.48 11.28
CA LEU C 160 21.21 5.29 11.92
C LEU C 160 21.94 6.60 11.99
N ALA C 161 22.63 6.83 13.12
CA ALA C 161 23.38 8.06 13.29
C ALA C 161 24.74 7.74 13.90
N ALA C 162 25.76 8.43 13.40
CA ALA C 162 27.11 8.26 13.91
C ALA C 162 27.37 9.45 14.83
N PRO C 163 28.20 9.27 15.86
CA PRO C 163 28.53 10.33 16.82
C PRO C 163 28.93 11.63 16.13
N GLU C 164 29.86 11.55 15.18
CA GLU C 164 30.29 12.77 14.51
C GLU C 164 29.11 13.50 13.84
N GLY C 165 28.12 12.75 13.39
CA GLY C 165 26.96 13.38 12.76
C GLY C 165 26.11 14.12 13.78
N LEU C 166 25.86 13.48 14.91
CA LEU C 166 25.06 14.10 15.97
C LEU C 166 25.77 15.34 16.49
N GLU C 167 27.09 15.26 16.60
CA GLU C 167 27.87 16.39 17.09
C GLU C 167 27.77 17.53 16.08
N ARG C 168 27.86 17.21 14.80
CA ARG C 168 27.76 18.23 13.75
C ARG C 168 26.42 18.96 13.88
N ILE C 169 25.33 18.21 14.01
CA ILE C 169 24.03 18.85 14.16
C ILE C 169 23.97 19.60 15.49
N ALA C 170 24.53 19.00 16.55
CA ALA C 170 24.51 19.65 17.85
C ALA C 170 25.26 20.97 17.74
N LYS C 171 26.29 20.98 16.90
CA LYS C 171 27.08 22.18 16.72
C LYS C 171 26.39 23.25 15.86
N ASP C 172 25.92 22.86 14.67
CA ASP C 172 25.28 23.82 13.75
C ASP C 172 23.85 24.21 14.09
N HIS C 173 23.06 23.25 14.56
CA HIS C 173 21.66 23.51 14.89
C HIS C 173 21.29 22.84 16.20
N PRO C 174 21.75 23.40 17.33
CA PRO C 174 21.48 22.87 18.66
C PRO C 174 20.00 22.69 19.03
N ASP C 175 19.14 23.55 18.52
CA ASP C 175 17.71 23.44 18.84
C ASP C 175 17.03 22.25 18.17
N THR C 176 17.66 21.70 17.15
CA THR C 176 17.10 20.56 16.42
C THR C 176 16.95 19.35 17.32
N GLU C 177 15.81 18.67 17.20
CA GLU C 177 15.59 17.45 17.95
C GLU C 177 15.82 16.31 16.97
N VAL C 178 16.53 15.29 17.40
CA VAL C 178 16.82 14.16 16.54
C VAL C 178 16.16 12.88 17.05
N VAL C 179 15.60 12.11 16.13
CA VAL C 179 14.95 10.85 16.46
C VAL C 179 15.73 9.84 15.62
N VAL C 180 16.20 8.76 16.25
CA VAL C 180 17.00 7.76 15.56
C VAL C 180 16.60 6.36 15.99
N ALA C 181 17.01 5.37 15.22
CA ALA C 181 16.72 3.98 15.56
C ALA C 181 17.89 3.38 16.33
N ALA C 182 19.08 3.89 16.05
CA ALA C 182 20.30 3.43 16.72
C ALA C 182 21.45 4.37 16.46
N ILE C 183 22.40 4.43 17.40
CA ILE C 183 23.59 5.27 17.26
C ILE C 183 24.75 4.30 17.11
N ASP C 184 25.52 4.46 16.04
CA ASP C 184 26.63 3.55 15.80
C ASP C 184 28.00 4.04 16.29
N GLU C 185 29.02 3.23 16.04
CA GLU C 185 30.38 3.51 16.48
C GLU C 185 31.09 4.73 15.92
N ARG C 186 31.26 4.78 14.60
CA ARG C 186 32.00 5.87 13.96
C ARG C 186 31.81 5.88 12.44
N LEU C 187 32.61 6.71 11.78
CA LEU C 187 32.63 6.82 10.32
C LEU C 187 33.94 6.22 9.83
N ASN C 188 33.93 5.49 8.73
CA ASN C 188 35.18 4.92 8.22
C ASN C 188 35.89 5.95 7.35
N ASP C 189 36.96 5.52 6.69
CA ASP C 189 37.74 6.42 5.84
C ASP C 189 36.93 7.06 4.71
N HIS C 190 35.87 6.39 4.27
CA HIS C 190 35.04 6.92 3.19
C HIS C 190 33.77 7.66 3.63
N GLY C 191 33.61 7.87 4.93
CA GLY C 191 32.44 8.57 5.41
C GLY C 191 31.21 7.71 5.64
N TYR C 192 31.41 6.39 5.63
CA TYR C 192 30.32 5.45 5.86
C TYR C 192 30.21 5.09 7.34
N ILE C 193 28.97 4.97 7.82
CA ILE C 193 28.71 4.64 9.22
C ILE C 193 29.09 3.21 9.54
N VAL C 194 29.88 3.04 10.60
CA VAL C 194 30.33 1.72 11.02
C VAL C 194 29.61 1.31 12.30
N PRO C 195 28.99 0.11 12.33
CA PRO C 195 28.94 -0.85 11.23
C PRO C 195 27.89 -0.49 10.17
N GLY C 196 27.00 0.46 10.51
CA GLY C 196 25.98 0.91 9.58
C GLY C 196 25.27 -0.15 8.75
N LEU C 197 25.05 0.16 7.48
CA LEU C 197 24.39 -0.78 6.58
C LEU C 197 24.79 -0.59 5.12
N GLY C 198 25.77 0.27 4.89
CA GLY C 198 26.26 0.52 3.55
C GLY C 198 25.67 1.78 2.97
N ASP C 199 25.51 1.82 1.65
CA ASP C 199 24.93 3.00 1.01
C ASP C 199 23.41 2.81 0.95
N ALA C 200 22.69 3.63 1.72
CA ALA C 200 21.24 3.55 1.80
C ALA C 200 20.56 3.68 0.45
N GLY C 201 20.81 4.78 -0.24
CA GLY C 201 20.21 5.02 -1.55
C GLY C 201 20.37 3.82 -2.47
N ASP C 202 21.61 3.39 -2.65
CA ASP C 202 21.89 2.25 -3.52
C ASP C 202 21.15 0.98 -3.12
N ARG C 203 21.09 0.72 -1.81
CA ARG C 203 20.44 -0.49 -1.33
C ARG C 203 18.93 -0.42 -1.44
N ILE C 204 18.41 0.80 -1.50
CA ILE C 204 16.97 0.99 -1.61
C ILE C 204 16.50 0.80 -3.06
N TYR C 205 17.20 1.42 -3.99
CA TYR C 205 16.83 1.39 -5.40
C TYR C 205 17.57 0.43 -6.32
N GLY C 206 18.61 -0.22 -5.79
CA GLY C 206 19.36 -1.17 -6.58
C GLY C 206 20.33 -0.49 -7.53
N THR C 207 20.96 0.58 -7.06
CA THR C 207 21.94 1.30 -7.87
C THR C 207 23.33 1.01 -7.29
N LYS C 208 24.33 1.80 -7.66
CA LYS C 208 25.68 1.58 -7.13
C LYS C 208 26.70 2.56 -7.71
N MSE D 1 7.04 8.54 -35.63
CA MSE D 1 7.55 8.06 -34.32
C MSE D 1 6.65 6.97 -33.76
O MSE D 1 5.61 6.64 -34.33
CB MSE D 1 7.63 9.21 -33.32
CG MSE D 1 6.27 9.67 -32.82
SE MSE D 1 6.39 11.28 -31.75
CE MSE D 1 7.59 10.62 -30.37
N ARG D 2 7.03 6.43 -32.61
CA ARG D 2 6.26 5.39 -31.96
C ARG D 2 5.46 5.99 -30.81
N ILE D 3 4.13 5.93 -30.92
CA ILE D 3 3.26 6.47 -29.89
C ILE D 3 2.14 5.50 -29.52
N THR D 4 1.89 5.37 -28.23
CA THR D 4 0.85 4.49 -27.74
C THR D 4 -0.11 5.24 -26.82
N LEU D 5 -1.35 5.37 -27.26
CA LEU D 5 -2.40 6.04 -26.49
C LEU D 5 -3.08 4.99 -25.64
N VAL D 6 -3.00 5.15 -24.33
CA VAL D 6 -3.61 4.18 -23.43
C VAL D 6 -5.12 4.38 -23.45
N ASP D 7 -5.82 3.32 -23.85
CA ASP D 7 -7.26 3.36 -23.95
C ASP D 7 -7.94 2.48 -22.91
N HIS D 8 -8.38 3.11 -21.83
CA HIS D 8 -9.04 2.39 -20.77
C HIS D 8 -9.90 3.40 -20.02
N PRO D 9 -11.18 3.07 -19.77
CA PRO D 9 -12.07 4.00 -19.07
C PRO D 9 -11.54 4.42 -17.68
N LEU D 10 -10.85 3.52 -16.99
CA LEU D 10 -10.29 3.85 -15.66
C LEU D 10 -9.29 5.00 -15.82
N VAL D 11 -8.52 4.96 -16.91
CA VAL D 11 -7.55 6.02 -17.18
C VAL D 11 -8.27 7.33 -17.47
N GLN D 12 -9.30 7.26 -18.31
CA GLN D 12 -10.04 8.46 -18.67
C GLN D 12 -10.69 9.06 -17.43
N HIS D 13 -11.30 8.21 -16.62
CA HIS D 13 -11.97 8.63 -15.39
C HIS D 13 -11.00 9.30 -14.41
N LYS D 14 -9.88 8.63 -14.15
CA LYS D 14 -8.88 9.17 -13.21
C LYS D 14 -8.20 10.44 -13.74
N LEU D 15 -7.96 10.50 -15.05
CA LEU D 15 -7.35 11.70 -15.62
C LEU D 15 -8.32 12.87 -15.45
N ALA D 16 -9.61 12.57 -15.57
CA ALA D 16 -10.64 13.62 -15.41
C ALA D 16 -10.50 14.25 -14.03
N HIS D 17 -10.37 13.40 -13.01
CA HIS D 17 -10.23 13.90 -11.63
C HIS D 17 -8.90 14.62 -11.44
N LEU D 18 -7.83 14.15 -12.09
CA LEU D 18 -6.54 14.82 -11.97
C LEU D 18 -6.61 16.23 -12.52
N ARG D 19 -7.29 16.40 -13.67
CA ARG D 19 -7.42 17.71 -14.30
C ARG D 19 -8.24 18.67 -13.45
N ASP D 20 -9.31 18.15 -12.83
CA ASP D 20 -10.20 18.96 -12.00
C ASP D 20 -9.34 19.68 -10.97
N LYS D 21 -9.37 21.01 -10.99
CA LYS D 21 -8.56 21.78 -10.07
C LYS D 21 -8.98 21.67 -8.60
N ARG D 22 -10.09 20.98 -8.35
CA ARG D 22 -10.59 20.80 -7.00
C ARG D 22 -9.98 19.58 -6.30
N THR D 23 -9.31 18.73 -7.06
CA THR D 23 -8.70 17.54 -6.49
C THR D 23 -7.44 17.95 -5.70
N GLY D 24 -7.45 17.65 -4.41
CA GLY D 24 -6.33 18.00 -3.54
C GLY D 24 -5.14 17.07 -3.68
N PRO D 25 -3.99 17.43 -3.07
CA PRO D 25 -2.77 16.63 -3.13
C PRO D 25 -2.89 15.15 -2.85
N LYS D 26 -3.59 14.77 -1.78
CA LYS D 26 -3.72 13.36 -1.45
C LYS D 26 -4.36 12.57 -2.57
N ASP D 27 -5.53 13.00 -3.03
CA ASP D 27 -6.23 12.30 -4.10
C ASP D 27 -5.43 12.39 -5.41
N PHE D 28 -4.81 13.54 -5.64
CA PHE D 28 -4.03 13.73 -6.87
C PHE D 28 -2.91 12.72 -6.93
N ARG D 29 -2.17 12.60 -5.82
CA ARG D 29 -1.06 11.66 -5.71
C ARG D 29 -1.51 10.23 -5.95
N GLU D 30 -2.56 9.81 -5.23
CA GLU D 30 -3.11 8.47 -5.37
C GLU D 30 -3.58 8.23 -6.83
N LEU D 31 -4.22 9.24 -7.40
CA LEU D 31 -4.73 9.15 -8.78
C LEU D 31 -3.60 8.97 -9.79
N ALA D 32 -2.55 9.78 -9.62
CA ALA D 32 -1.38 9.73 -10.48
C ALA D 32 -0.72 8.36 -10.39
N GLU D 33 -0.65 7.80 -9.19
CA GLU D 33 -0.04 6.49 -8.98
C GLU D 33 -0.87 5.39 -9.67
N GLU D 34 -2.18 5.53 -9.61
CA GLU D 34 -3.10 4.57 -10.24
C GLU D 34 -2.99 4.65 -11.77
N VAL D 35 -2.98 5.86 -12.30
CA VAL D 35 -2.83 6.06 -13.74
C VAL D 35 -1.50 5.43 -14.19
N ALA D 36 -0.43 5.73 -13.45
CA ALA D 36 0.88 5.20 -13.75
C ALA D 36 0.82 3.67 -13.80
N MSE D 37 0.07 3.08 -12.88
CA MSE D 37 -0.09 1.63 -12.81
C MSE D 37 -0.82 1.10 -14.05
O MSE D 37 -0.39 0.12 -14.67
CB MSE D 37 -0.89 1.21 -11.58
CG MSE D 37 -0.18 1.34 -10.26
SE MSE D 37 -1.46 0.93 -8.84
CE MSE D 37 -1.56 2.69 -8.04
N LEU D 38 -1.94 1.72 -14.35
CA LEU D 38 -2.75 1.32 -15.49
C LEU D 38 -1.92 1.43 -16.78
N MSE D 39 -1.27 2.57 -16.95
CA MSE D 39 -0.44 2.80 -18.14
C MSE D 39 0.68 1.78 -18.28
O MSE D 39 1.11 1.47 -19.39
CB MSE D 39 0.16 4.20 -18.12
CG MSE D 39 -0.84 5.31 -18.26
SE MSE D 39 0.09 6.97 -18.28
CE MSE D 39 1.10 6.69 -19.93
N ALA D 40 1.15 1.27 -17.15
CA ALA D 40 2.24 0.30 -17.16
C ALA D 40 1.79 -1.04 -17.70
N TYR D 41 0.48 -1.29 -17.66
CA TYR D 41 -0.06 -2.53 -18.18
C TYR D 41 0.23 -2.61 -19.69
N GLU D 42 0.00 -1.51 -20.39
CA GLU D 42 0.25 -1.44 -21.83
C GLU D 42 1.73 -1.34 -22.17
N ALA D 43 2.42 -0.46 -21.47
CA ALA D 43 3.84 -0.27 -21.73
C ALA D 43 4.67 -1.53 -21.49
N MSE D 44 4.14 -2.49 -20.74
CA MSE D 44 4.90 -3.69 -20.46
C MSE D 44 4.35 -4.96 -21.08
O MSE D 44 4.84 -6.06 -20.81
CB MSE D 44 5.04 -3.88 -18.93
CG MSE D 44 5.79 -2.72 -18.24
SE MSE D 44 5.97 -2.91 -16.28
CE MSE D 44 4.10 -2.93 -15.84
N ARG D 45 3.34 -4.81 -21.93
CA ARG D 45 2.76 -5.96 -22.61
C ARG D 45 3.80 -6.71 -23.44
N ASP D 46 4.87 -6.03 -23.84
CA ASP D 46 5.92 -6.64 -24.66
C ASP D 46 7.17 -7.14 -23.93
N LEU D 47 7.09 -7.34 -22.62
CA LEU D 47 8.25 -7.83 -21.87
C LEU D 47 8.50 -9.27 -22.32
N GLU D 48 9.76 -9.60 -22.60
CA GLU D 48 10.09 -10.95 -23.05
C GLU D 48 10.01 -12.03 -21.98
N LEU D 49 9.60 -13.21 -22.41
CA LEU D 49 9.47 -14.37 -21.54
C LEU D 49 10.32 -15.52 -22.03
N GLU D 50 10.50 -16.51 -21.17
CA GLU D 50 11.25 -17.71 -21.52
C GLU D 50 10.60 -18.85 -20.75
N GLU D 51 10.50 -19.99 -21.40
CA GLU D 51 9.88 -21.15 -20.79
C GLU D 51 10.77 -21.84 -19.77
N THR D 52 10.13 -22.59 -18.88
CA THR D 52 10.82 -23.34 -17.86
C THR D 52 9.78 -24.16 -17.12
N THR D 53 10.21 -24.94 -16.15
CA THR D 53 9.28 -25.76 -15.41
C THR D 53 9.43 -25.47 -13.92
N VAL D 54 8.38 -25.74 -13.16
CA VAL D 54 8.43 -25.50 -11.72
C VAL D 54 7.61 -26.59 -11.03
N GLU D 55 7.93 -26.84 -9.77
CA GLU D 55 7.23 -27.85 -8.98
C GLU D 55 6.17 -27.21 -8.10
N THR D 56 4.90 -27.46 -8.40
CA THR D 56 3.82 -26.91 -7.59
C THR D 56 3.52 -27.91 -6.48
N PRO D 57 2.73 -27.50 -5.47
CA PRO D 57 2.43 -28.43 -4.39
C PRO D 57 1.81 -29.72 -4.92
N ILE D 58 1.15 -29.61 -6.05
CA ILE D 58 0.47 -30.74 -6.67
C ILE D 58 1.28 -31.52 -7.70
N ALA D 59 1.92 -30.83 -8.64
CA ALA D 59 2.70 -31.51 -9.67
C ALA D 59 3.54 -30.56 -10.51
N PRO D 60 4.41 -31.10 -11.38
CA PRO D 60 5.26 -30.29 -12.24
C PRO D 60 4.39 -29.39 -13.11
N ALA D 61 4.84 -28.17 -13.36
CA ALA D 61 4.08 -27.24 -14.18
C ALA D 61 4.97 -26.49 -15.16
N ARG D 62 4.52 -26.43 -16.41
CA ARG D 62 5.25 -25.72 -17.45
C ARG D 62 4.87 -24.26 -17.29
N VAL D 63 5.86 -23.39 -17.18
CA VAL D 63 5.57 -21.98 -17.00
C VAL D 63 6.49 -21.08 -17.81
N LYS D 64 6.13 -19.81 -17.88
CA LYS D 64 6.95 -18.83 -18.58
C LYS D 64 7.33 -17.78 -17.56
N VAL D 65 8.54 -17.29 -17.66
CA VAL D 65 9.06 -16.30 -16.73
C VAL D 65 9.74 -15.18 -17.51
N LEU D 66 9.83 -14.00 -16.91
CA LEU D 66 10.50 -12.88 -17.56
C LEU D 66 11.96 -13.28 -17.77
N SER D 67 12.52 -12.88 -18.91
CA SER D 67 13.91 -13.21 -19.20
C SER D 67 14.80 -11.99 -18.99
N GLY D 68 16.09 -12.23 -18.80
CA GLY D 68 17.02 -11.14 -18.60
C GLY D 68 17.02 -10.54 -17.20
N LYS D 69 17.72 -9.43 -17.03
CA LYS D 69 17.79 -8.76 -15.73
C LYS D 69 16.46 -8.11 -15.38
N LYS D 70 16.40 -7.48 -14.22
CA LYS D 70 15.20 -6.81 -13.78
C LYS D 70 15.08 -5.47 -14.49
N LEU D 71 13.85 -5.10 -14.85
CA LEU D 71 13.59 -3.86 -15.55
C LEU D 71 13.95 -2.62 -14.73
N ALA D 72 14.17 -1.51 -15.42
CA ALA D 72 14.53 -0.28 -14.77
C ALA D 72 13.50 0.83 -14.98
N LEU D 73 13.18 1.52 -13.90
CA LEU D 73 12.26 2.65 -13.91
C LEU D 73 13.10 3.86 -13.60
N VAL D 74 13.15 4.80 -14.54
CA VAL D 74 13.92 6.01 -14.35
C VAL D 74 12.99 7.22 -14.25
N ALA D 75 13.03 7.87 -13.09
CA ALA D 75 12.20 9.02 -12.84
C ALA D 75 12.90 10.33 -13.10
N ILE D 76 12.13 11.27 -13.67
CA ILE D 76 12.64 12.60 -13.92
C ILE D 76 12.07 13.40 -12.77
N LEU D 77 12.94 13.87 -11.88
CA LEU D 77 12.54 14.65 -10.72
C LEU D 77 11.91 15.95 -11.19
N ARG D 78 10.91 16.44 -10.47
CA ARG D 78 10.39 15.80 -9.27
C ARG D 78 9.16 14.91 -9.52
N ALA D 79 8.24 15.41 -10.35
CA ALA D 79 6.99 14.71 -10.67
C ALA D 79 7.12 13.24 -11.01
N GLY D 80 8.19 12.87 -11.68
CA GLY D 80 8.38 11.48 -12.05
C GLY D 80 8.32 10.52 -10.87
N LEU D 81 8.62 11.02 -9.67
CA LEU D 81 8.59 10.18 -8.47
C LEU D 81 7.24 9.48 -8.27
N VAL D 82 6.15 10.22 -8.41
CA VAL D 82 4.84 9.61 -8.20
C VAL D 82 4.60 8.38 -9.08
N MSE D 83 5.10 8.41 -10.32
CA MSE D 83 4.93 7.29 -11.25
C MSE D 83 5.75 6.07 -10.86
O MSE D 83 5.32 4.93 -11.04
CB MSE D 83 5.28 7.74 -12.68
CG MSE D 83 4.39 8.85 -13.23
SE MSE D 83 4.71 9.23 -15.16
CE MSE D 83 3.92 7.62 -15.82
N VAL D 84 6.94 6.29 -10.30
CA VAL D 84 7.75 5.16 -9.85
C VAL D 84 7.00 4.45 -8.71
N GLU D 85 6.48 5.22 -7.76
CA GLU D 85 5.76 4.64 -6.62
C GLU D 85 4.57 3.81 -7.07
N GLY D 86 3.82 4.34 -8.03
CA GLY D 86 2.66 3.61 -8.51
C GLY D 86 3.07 2.33 -9.22
N ILE D 87 3.99 2.45 -10.18
CA ILE D 87 4.42 1.30 -10.95
C ILE D 87 5.08 0.19 -10.10
N LEU D 88 5.81 0.58 -9.06
CA LEU D 88 6.47 -0.41 -8.21
C LEU D 88 5.48 -1.37 -7.56
N LYS D 89 4.23 -0.95 -7.41
CA LYS D 89 3.23 -1.83 -6.83
C LYS D 89 3.03 -3.06 -7.72
N LEU D 90 3.27 -2.90 -9.02
CA LEU D 90 3.12 -4.02 -9.95
C LEU D 90 4.41 -4.84 -10.08
N VAL D 91 5.54 -4.14 -10.12
CA VAL D 91 6.85 -4.79 -10.26
C VAL D 91 7.79 -4.25 -9.19
N PRO D 92 7.59 -4.68 -7.93
CA PRO D 92 8.42 -4.25 -6.79
C PRO D 92 9.91 -4.60 -6.86
N HIS D 93 10.29 -5.47 -7.81
CA HIS D 93 11.69 -5.84 -7.95
C HIS D 93 12.44 -4.95 -8.94
N ALA D 94 11.73 -4.00 -9.52
CA ALA D 94 12.33 -3.08 -10.48
C ALA D 94 13.40 -2.21 -9.83
N ARG D 95 14.45 -1.91 -10.59
CA ARG D 95 15.51 -1.05 -10.09
C ARG D 95 15.15 0.36 -10.51
N VAL D 96 15.48 1.33 -9.66
CA VAL D 96 15.10 2.71 -9.93
C VAL D 96 16.25 3.68 -10.09
N GLY D 97 16.13 4.52 -11.12
CA GLY D 97 17.13 5.54 -11.37
C GLY D 97 16.46 6.88 -11.22
N HIS D 98 17.24 7.94 -11.05
CA HIS D 98 16.69 9.28 -10.91
C HIS D 98 17.49 10.27 -11.71
N ILE D 99 16.80 11.16 -12.40
CA ILE D 99 17.46 12.19 -13.18
C ILE D 99 16.81 13.51 -12.80
N GLY D 100 17.62 14.48 -12.41
CA GLY D 100 17.11 15.79 -12.04
C GLY D 100 17.76 16.83 -12.92
N LEU D 101 16.96 17.54 -13.70
CA LEU D 101 17.47 18.56 -14.61
C LEU D 101 17.07 19.97 -14.18
N TYR D 113 21.93 17.42 -14.63
CA TYR D 113 22.51 17.79 -13.34
C TYR D 113 22.81 16.54 -12.52
N TYR D 114 21.78 16.01 -11.87
CA TYR D 114 21.91 14.81 -11.04
C TYR D 114 21.36 13.57 -11.73
N ILE D 115 22.10 12.47 -11.67
CA ILE D 115 21.66 11.23 -12.28
C ILE D 115 22.27 9.99 -11.63
N LYS D 116 21.41 9.02 -11.34
CA LYS D 116 21.81 7.76 -10.73
C LYS D 116 20.98 6.66 -11.38
N LEU D 117 21.64 5.63 -11.90
CA LEU D 117 20.89 4.56 -12.56
C LEU D 117 21.33 3.21 -12.08
N PRO D 118 20.49 2.19 -12.31
CA PRO D 118 20.86 0.83 -11.92
C PRO D 118 22.02 0.41 -12.81
N PRO D 119 22.87 -0.51 -12.34
CA PRO D 119 24.01 -0.94 -13.17
C PRO D 119 23.56 -1.79 -14.37
N ASP D 120 24.36 -1.78 -15.43
CA ASP D 120 24.05 -2.56 -16.64
C ASP D 120 22.67 -2.24 -17.21
N ILE D 121 22.33 -0.96 -17.29
CA ILE D 121 21.04 -0.59 -17.82
C ILE D 121 20.93 -1.02 -19.29
N ALA D 122 22.07 -1.16 -19.95
CA ALA D 122 22.08 -1.60 -21.35
C ALA D 122 21.46 -2.99 -21.46
N GLU D 123 21.39 -3.71 -20.35
CA GLU D 123 20.81 -5.04 -20.37
C GLU D 123 19.46 -5.09 -19.66
N ARG D 124 18.83 -3.92 -19.51
CA ARG D 124 17.54 -3.85 -18.85
C ARG D 124 16.48 -3.12 -19.67
N ARG D 125 15.25 -3.64 -19.64
CA ARG D 125 14.16 -2.96 -20.31
C ARG D 125 13.99 -1.71 -19.46
N ALA D 126 14.00 -0.55 -20.09
CA ALA D 126 13.91 0.71 -19.35
C ALA D 126 12.70 1.56 -19.67
N PHE D 127 12.20 2.23 -18.63
CA PHE D 127 11.05 3.09 -18.76
C PHE D 127 11.33 4.44 -18.09
N LEU D 128 11.24 5.50 -18.89
CA LEU D 128 11.48 6.86 -18.45
C LEU D 128 10.15 7.51 -18.09
N LEU D 129 10.05 7.95 -16.84
CA LEU D 129 8.83 8.55 -16.31
C LEU D 129 8.89 10.05 -16.17
N ASP D 130 7.99 10.72 -16.89
CA ASP D 130 7.91 12.18 -16.88
C ASP D 130 6.43 12.49 -17.08
N PRO D 131 5.70 12.64 -15.96
CA PRO D 131 4.26 12.93 -15.95
C PRO D 131 3.79 13.87 -17.07
N MSE D 132 4.49 14.98 -17.21
CA MSE D 132 4.15 16.00 -18.18
C MSE D 132 5.17 16.22 -19.31
O MSE D 132 6.22 16.82 -19.08
CB MSE D 132 3.91 17.31 -17.43
CG MSE D 132 2.58 17.92 -17.73
SE MSE D 132 1.01 17.05 -16.93
CE MSE D 132 0.14 18.74 -16.58
N LEU D 133 4.86 15.74 -20.51
CA LEU D 133 5.74 15.94 -21.66
C LEU D 133 5.27 17.21 -22.38
N ALA D 134 5.83 18.34 -21.96
CA ALA D 134 5.48 19.65 -22.50
C ALA D 134 6.33 20.01 -23.72
N THR D 135 7.45 20.71 -23.51
CA THR D 135 8.32 21.09 -24.60
C THR D 135 9.12 19.87 -25.04
N GLY D 136 9.23 18.90 -24.14
CA GLY D 136 9.99 17.70 -24.43
C GLY D 136 11.47 17.89 -24.09
N GLY D 137 11.80 19.09 -23.65
CA GLY D 137 13.17 19.43 -23.29
C GLY D 137 13.81 18.52 -22.25
N SER D 138 13.16 18.39 -21.10
CA SER D 138 13.67 17.53 -20.03
C SER D 138 13.81 16.09 -20.51
N ALA D 139 12.74 15.56 -21.09
CA ALA D 139 12.74 14.17 -21.56
C ALA D 139 13.81 13.88 -22.60
N SER D 140 14.07 14.84 -23.48
CA SER D 140 15.08 14.64 -24.52
C SER D 140 16.49 14.56 -23.90
N LEU D 141 16.78 15.49 -23.00
CA LEU D 141 18.08 15.49 -22.34
C LEU D 141 18.25 14.15 -21.64
N ALA D 142 17.21 13.75 -20.89
CA ALA D 142 17.24 12.48 -20.17
C ALA D 142 17.51 11.28 -21.05
N LEU D 143 16.87 11.25 -22.22
CA LEU D 143 17.08 10.13 -23.13
C LEU D 143 18.52 10.10 -23.61
N SER D 144 19.12 11.27 -23.78
CA SER D 144 20.51 11.35 -24.21
C SER D 144 21.41 10.75 -23.12
N LEU D 145 21.23 11.22 -21.88
CA LEU D 145 22.00 10.72 -20.75
C LEU D 145 21.85 9.21 -20.67
N LEU D 146 20.64 8.72 -20.96
CA LEU D 146 20.39 7.28 -20.93
C LEU D 146 21.09 6.59 -22.10
N LYS D 147 21.12 7.24 -23.26
CA LYS D 147 21.75 6.64 -24.43
C LYS D 147 23.27 6.56 -24.20
N GLU D 148 23.84 7.61 -23.61
CA GLU D 148 25.28 7.66 -23.31
C GLU D 148 25.68 6.51 -22.40
N ARG D 149 24.75 6.05 -21.58
CA ARG D 149 25.05 4.98 -20.65
C ARG D 149 24.62 3.60 -21.12
N GLY D 150 24.39 3.48 -22.42
CA GLY D 150 24.02 2.21 -23.00
C GLY D 150 22.55 1.81 -23.00
N ALA D 151 21.69 2.65 -22.45
CA ALA D 151 20.27 2.35 -22.42
C ALA D 151 19.75 2.22 -23.86
N THR D 152 18.88 1.23 -24.10
CA THR D 152 18.33 1.02 -25.43
C THR D 152 16.89 0.50 -25.40
N GLY D 153 16.08 0.99 -26.33
CA GLY D 153 14.68 0.57 -26.43
C GLY D 153 13.82 1.19 -25.34
N VAL D 154 14.22 2.37 -24.92
CA VAL D 154 13.52 3.10 -23.86
C VAL D 154 12.12 3.57 -24.20
N LYS D 155 11.17 3.32 -23.31
CA LYS D 155 9.82 3.80 -23.51
C LYS D 155 9.64 4.96 -22.56
N LEU D 156 9.16 6.07 -23.09
CA LEU D 156 8.93 7.28 -22.32
C LEU D 156 7.44 7.30 -21.93
N MSE D 157 7.16 7.35 -20.63
CA MSE D 157 5.79 7.36 -20.13
C MSE D 157 5.37 8.70 -19.54
O MSE D 157 5.93 9.19 -18.55
CB MSE D 157 5.61 6.26 -19.07
CG MSE D 157 5.85 4.86 -19.60
SE MSE D 157 5.66 3.47 -18.26
CE MSE D 157 3.73 3.52 -18.05
N ALA D 158 4.35 9.31 -20.16
CA ALA D 158 3.83 10.59 -19.69
C ALA D 158 2.31 10.48 -19.57
N ILE D 159 1.76 11.18 -18.59
CA ILE D 159 0.32 11.18 -18.41
C ILE D 159 -0.26 12.04 -19.54
N LEU D 160 0.19 13.30 -19.61
CA LEU D 160 -0.25 14.24 -20.64
C LEU D 160 0.92 14.70 -21.52
N ALA D 161 0.66 14.83 -22.81
CA ALA D 161 1.69 15.27 -23.76
C ALA D 161 1.18 16.33 -24.74
N ALA D 162 2.03 17.29 -25.06
CA ALA D 162 1.68 18.34 -26.01
C ALA D 162 2.27 17.92 -27.35
N PRO D 163 1.61 18.27 -28.47
CA PRO D 163 2.18 17.86 -29.76
C PRO D 163 3.64 18.32 -29.87
N GLU D 164 3.91 19.48 -29.28
CA GLU D 164 5.24 20.06 -29.26
C GLU D 164 6.26 19.05 -28.73
N GLY D 165 6.10 18.65 -27.48
CA GLY D 165 7.03 17.69 -26.89
C GLY D 165 7.16 16.42 -27.69
N LEU D 166 6.03 15.95 -28.22
CA LEU D 166 6.03 14.73 -29.02
C LEU D 166 6.91 14.90 -30.26
N GLU D 167 6.89 16.10 -30.83
CA GLU D 167 7.70 16.39 -32.01
C GLU D 167 9.16 16.56 -31.63
N ARG D 168 9.39 17.09 -30.43
CA ARG D 168 10.76 17.28 -29.93
C ARG D 168 11.41 15.91 -29.76
N ILE D 169 10.63 14.94 -29.32
CA ILE D 169 11.13 13.59 -29.12
C ILE D 169 11.24 12.85 -30.45
N ALA D 170 10.34 13.18 -31.38
CA ALA D 170 10.37 12.54 -32.70
C ALA D 170 11.63 13.02 -33.43
N LYS D 171 12.01 14.27 -33.16
CA LYS D 171 13.20 14.86 -33.79
C LYS D 171 14.52 14.46 -33.13
N ASP D 172 14.57 14.46 -31.80
CA ASP D 172 15.80 14.11 -31.08
C ASP D 172 16.00 12.62 -30.82
N HIS D 173 14.92 11.90 -30.58
CA HIS D 173 15.03 10.47 -30.30
C HIS D 173 13.91 9.67 -30.96
N PRO D 174 13.91 9.63 -32.30
CA PRO D 174 12.92 8.91 -33.10
C PRO D 174 12.82 7.44 -32.74
N ASP D 175 13.81 6.94 -32.02
CA ASP D 175 13.84 5.55 -31.60
C ASP D 175 12.93 5.26 -30.41
N THR D 176 12.73 6.26 -29.57
CA THR D 176 11.92 6.09 -28.37
C THR D 176 10.42 5.99 -28.62
N GLU D 177 9.79 5.05 -27.93
CA GLU D 177 8.35 4.88 -28.01
C GLU D 177 7.77 5.73 -26.89
N VAL D 178 6.65 6.38 -27.15
CA VAL D 178 6.04 7.21 -26.13
C VAL D 178 4.67 6.67 -25.73
N VAL D 179 4.49 6.41 -24.43
CA VAL D 179 3.23 5.92 -23.90
C VAL D 179 2.62 7.11 -23.17
N VAL D 180 1.40 7.46 -23.53
CA VAL D 180 0.73 8.62 -22.94
C VAL D 180 -0.74 8.32 -22.60
N ALA D 181 -1.34 9.16 -21.76
CA ALA D 181 -2.73 8.95 -21.37
C ALA D 181 -3.65 9.82 -22.24
N ALA D 182 -3.12 10.96 -22.66
CA ALA D 182 -3.87 11.88 -23.52
C ALA D 182 -2.92 12.89 -24.13
N ILE D 183 -3.21 13.29 -25.36
CA ILE D 183 -2.39 14.29 -26.04
C ILE D 183 -3.23 15.55 -25.99
N ASP D 184 -2.70 16.60 -25.38
CA ASP D 184 -3.47 17.82 -25.28
C ASP D 184 -3.29 18.78 -26.45
N GLU D 185 -3.89 19.95 -26.33
CA GLU D 185 -3.87 20.95 -27.39
C GLU D 185 -2.52 21.55 -27.73
N ARG D 186 -2.00 22.33 -26.81
CA ARG D 186 -0.73 23.03 -27.01
C ARG D 186 -0.14 23.42 -25.66
N LEU D 187 0.80 24.35 -25.70
CA LEU D 187 1.44 24.88 -24.50
C LEU D 187 1.14 26.36 -24.49
N ASN D 188 0.72 26.90 -23.36
CA ASN D 188 0.44 28.33 -23.31
C ASN D 188 1.75 29.10 -23.23
N ASP D 189 1.67 30.41 -23.10
CA ASP D 189 2.87 31.24 -23.04
C ASP D 189 3.59 31.15 -21.69
N HIS D 190 3.58 29.96 -21.10
CA HIS D 190 4.24 29.73 -19.82
C HIS D 190 4.72 28.29 -19.77
N GLY D 191 4.67 27.61 -20.92
CA GLY D 191 5.12 26.24 -21.00
C GLY D 191 4.14 25.23 -20.41
N TYR D 192 3.00 25.71 -19.94
CA TYR D 192 1.99 24.82 -19.36
C TYR D 192 1.13 24.15 -20.42
N ILE D 193 0.94 22.85 -20.26
CA ILE D 193 0.11 22.09 -21.17
C ILE D 193 -1.33 22.57 -21.09
N VAL D 194 -1.97 22.72 -22.25
CA VAL D 194 -3.35 23.19 -22.33
C VAL D 194 -4.24 22.12 -22.95
N PRO D 195 -5.35 21.77 -22.27
CA PRO D 195 -5.81 22.30 -20.98
C PRO D 195 -5.01 21.75 -19.80
N GLY D 196 -4.33 20.63 -20.03
CA GLY D 196 -3.50 20.02 -18.98
C GLY D 196 -4.12 19.84 -17.60
N LEU D 197 -3.38 20.18 -16.56
CA LEU D 197 -3.86 20.05 -15.19
C LEU D 197 -3.08 20.90 -14.20
N GLY D 198 -2.27 21.81 -14.73
CA GLY D 198 -1.48 22.69 -13.89
C GLY D 198 -0.08 22.20 -13.62
N ASP D 199 0.44 22.49 -12.44
CA ASP D 199 1.78 22.06 -12.04
C ASP D 199 1.69 20.68 -11.41
N ALA D 200 2.12 19.66 -12.13
CA ALA D 200 2.07 18.29 -11.64
C ALA D 200 2.70 18.15 -10.26
N GLY D 201 3.98 18.52 -10.17
CA GLY D 201 4.69 18.43 -8.91
C GLY D 201 3.98 19.05 -7.73
N ASP D 202 3.66 20.34 -7.84
CA ASP D 202 2.98 21.03 -6.77
C ASP D 202 1.66 20.39 -6.36
N ARG D 203 0.96 19.82 -7.35
CA ARG D 203 -0.33 19.19 -7.08
C ARG D 203 -0.19 17.81 -6.48
N ILE D 204 0.96 17.18 -6.69
CA ILE D 204 1.22 15.86 -6.14
C ILE D 204 1.64 15.95 -4.67
N TYR D 205 2.52 16.92 -4.38
CA TYR D 205 3.07 17.08 -3.05
C TYR D 205 2.54 18.20 -2.15
N GLY D 206 1.75 19.10 -2.70
CA GLY D 206 1.18 20.18 -1.91
C GLY D 206 2.13 21.35 -1.75
N THR D 207 2.84 21.68 -2.81
CA THR D 207 3.75 22.82 -2.77
C THR D 207 3.21 23.88 -3.73
N LYS D 208 4.06 24.77 -4.19
CA LYS D 208 3.59 25.79 -5.13
C LYS D 208 4.68 26.78 -5.54
S SO4 E . -22.93 4.72 -4.75
O1 SO4 E . -22.34 5.88 -4.05
O2 SO4 E . -24.30 4.50 -4.26
O3 SO4 E . -22.13 3.53 -4.48
O4 SO4 E . -22.96 4.99 -6.20
S SO4 F . -10.71 -21.31 1.25
O1 SO4 F . -11.79 -21.08 2.23
O2 SO4 F . -10.52 -22.76 1.06
O3 SO4 F . -9.46 -20.72 1.73
O4 SO4 F . -11.08 -20.69 -0.04
S SO4 G . -16.68 7.27 -0.87
O1 SO4 G . -16.25 6.03 -1.53
O2 SO4 G . -18.14 7.44 -1.07
O3 SO4 G . -16.40 7.17 0.56
O4 SO4 G . -15.97 8.43 -1.43
S SO4 H . -15.20 -24.30 -6.59
O1 SO4 H . -14.42 -24.88 -7.69
O2 SO4 H . -15.84 -25.40 -5.83
O3 SO4 H . -14.30 -23.56 -5.69
O4 SO4 H . -16.23 -23.40 -7.13
S SO4 I . -27.12 -16.54 -16.12
O1 SO4 I . -25.88 -16.11 -15.44
O2 SO4 I . -27.86 -17.46 -15.25
O3 SO4 I . -26.77 -17.22 -17.38
O4 SO4 I . -27.94 -15.35 -16.41
S SO4 J . -22.83 3.18 -0.31
O1 SO4 J . -21.99 1.97 -0.27
O2 SO4 J . -24.25 2.80 -0.26
O3 SO4 J . -22.51 4.04 0.85
O4 SO4 J . -22.56 3.92 -1.56
S SO4 K . 0.56 -0.11 -0.43
O1 SO4 K . 0.50 -1.28 0.47
O2 SO4 K . -0.08 -0.44 -1.73
O3 SO4 K . -0.14 1.03 0.19
O4 SO4 K . 1.98 0.25 -0.67
S SO4 L . 7.22 -16.16 4.48
O1 SO4 L . 6.43 -15.54 5.54
O2 SO4 L . 7.20 -17.63 4.63
O3 SO4 L . 8.60 -15.66 4.54
O4 SO4 L . 6.61 -15.78 3.20
S SO4 M . 6.51 -20.09 10.92
O1 SO4 M . 7.20 -19.23 11.90
O2 SO4 M . 6.41 -21.47 11.42
O3 SO4 M . 7.28 -20.08 9.65
O4 SO4 M . 5.16 -19.57 10.66
S SO4 N . -20.94 -8.28 9.87
O1 SO4 N . -19.56 -8.31 9.35
O2 SO4 N . -20.90 -8.51 11.32
O3 SO4 N . -21.55 -6.98 9.58
O4 SO4 N . -21.75 -9.36 9.25
S SO4 O . -9.15 -17.09 29.70
O1 SO4 O . -8.17 -18.20 29.80
O2 SO4 O . -10.44 -17.63 29.27
O3 SO4 O . -9.29 -16.43 31.01
O4 SO4 O . -8.66 -16.10 28.73
S SO4 P . -31.55 3.88 23.66
O1 SO4 P . -31.68 5.22 24.27
O2 SO4 P . -32.84 3.16 23.72
O3 SO4 P . -30.53 3.10 24.40
O4 SO4 P . -31.14 4.04 22.25
S SO4 Q . -3.06 23.33 4.65
O1 SO4 Q . -3.45 24.70 5.00
O2 SO4 Q . -4.23 22.58 4.14
O3 SO4 Q . -2.55 22.66 5.85
O4 SO4 Q . -2.01 23.37 3.61
S SO4 R . -6.01 17.19 0.73
O1 SO4 R . -4.95 16.72 1.65
O2 SO4 R . -7.32 16.74 1.23
O3 SO4 R . -5.74 16.61 -0.59
O4 SO4 R . -5.99 18.66 0.67
S SO4 S . 22.43 9.66 -2.80
O1 SO4 S . 23.04 8.40 -2.39
O2 SO4 S . 20.96 9.52 -2.76
O3 SO4 S . 22.82 10.75 -1.88
O4 SO4 S . 22.87 10.01 -4.16
S SO4 T . 18.90 25.98 15.29
O1 SO4 T . 17.79 26.90 15.54
O2 SO4 T . 18.40 24.78 14.60
O3 SO4 T . 19.52 25.58 16.56
O4 SO4 T . 19.91 26.66 14.44
S SO4 U . 38.41 2.37 8.19
O1 SO4 U . 39.71 1.65 8.13
O2 SO4 U . 37.43 1.52 8.89
O3 SO4 U . 38.58 3.65 8.91
O4 SO4 U . 37.94 2.64 6.83
S SO4 V . 15.35 -8.19 -4.82
O1 SO4 V . 16.76 -8.42 -5.21
O2 SO4 V . 14.68 -9.47 -4.54
O3 SO4 V . 15.33 -7.33 -3.63
O4 SO4 V . 14.65 -7.49 -5.91
S SO4 W . 19.44 -7.74 -11.19
O1 SO4 W . 19.38 -8.79 -12.21
O2 SO4 W . 19.34 -8.37 -9.86
O3 SO4 W . 20.69 -6.99 -11.29
O4 SO4 W . 18.31 -6.81 -11.35
S SO4 X . 8.65 19.60 -10.79
O1 SO4 X . 7.68 19.51 -9.68
O2 SO4 X . 8.85 18.26 -11.36
O3 SO4 X . 9.93 20.15 -10.28
O4 SO4 X . 8.11 20.50 -11.81
S SO4 Y . 9.46 19.55 -20.37
O1 SO4 Y . 9.01 19.15 -19.01
O2 SO4 Y . 9.18 18.44 -21.30
O3 SO4 Y . 10.91 19.83 -20.35
O4 SO4 Y . 8.73 20.77 -20.78
S SO4 Z . -1.95 31.55 -24.09
O1 SO4 Z . -1.70 32.14 -22.77
O2 SO4 Z . -2.87 30.40 -23.96
O3 SO4 Z . -0.68 31.08 -24.68
O4 SO4 Z . -2.54 32.56 -24.98
S SO4 AA . 17.62 7.67 -30.27
O1 SO4 AA . 18.26 6.34 -30.42
O2 SO4 AA . 17.23 7.89 -28.85
O3 SO4 AA . 18.53 8.76 -30.67
O4 SO4 AA . 16.41 7.71 -31.12
#